data_8BLO
#
_entry.id   8BLO
#
_cell.length_a   1.00
_cell.length_b   1.00
_cell.length_c   1.00
_cell.angle_alpha   90.00
_cell.angle_beta   90.00
_cell.angle_gamma   90.00
#
_symmetry.space_group_name_H-M   'P 1'
#
loop_
_entity.id
_entity.type
_entity.pdbx_description
1 polymer 'Urea transporter 2'
2 non-polymer 'di-heneicosanoyl phosphatidyl choline'
3 non-polymer 'Lauryl Maltose Neopentyl Glycol'
4 water water
#
_entity_poly.entity_id   1
_entity_poly.type   'polypeptide(L)'
_entity_poly.pdbx_seq_one_letter_code
;MSDPHSSPLLPEPLSSRYKLYEAEFTSPSWPSTSPDTHPALPLLEMPEEKDLRSSNEDSHIVKIEKLNERSKRKDDGVAH
RDSAGQRCICLSKAVGYLTGDMKEYRIWLKDKHLALQFIDWVLRGTAQVMFINNPLSGLIIFIGLLIQNPWWTITGGLGT
VVSTLTALALGQDRSAIASGLHGYNGMLVGLLMAVFSEKLDYYWWLLFPVTFTAMSCPVLSSALNSIFSKWDLPVFTLPF
NIAVTLYLAATGHYNLFFPTTLVEPVSSVPNITWTEMEMPLLLQAIPVGVGQVYGCDNPWTGGVFLVALFISSPLICLHA
AIGSIVGLLAALSVATPFETIYTGLWSYNCVLSCIAIGGMFYALTWQTHLLALICALFCAYMEAAISNIMSVVGVPPGTW
AFCLATIIFLLLTTNNPAIFRLPLSKVTYPEANRIYYLTVKSGEEEKAPSGGGGEHPPTAGPKVEEGSEAVLSKHRSVFH
IEWSSIRRRSKVFGKGEHQERQNKDPFPYRYRKPTVELLDLDTMEESSEIKVETNISKTSWIRSSMAASGKRVSKALSYI
TGEMKECGEGLKDKSPVFQFFDWVLRGTSQVMFVNNPLSGILIILGLFIQNPWWAISGCLGTIMSTLTALILSQDKSAIA
AGFHGYNGVLVGLLMAVFSDKGDYYWWLLLPVIIMSMSCPILSSALGTIFSKWDLPVFTLPFNITVTLYLAATGHYNLFF
PTTLLQPASAMPNITWSEVQVPLLLRAIPVGIGQVYGCDNPWTGGIFLIALFISSPLICLHAAIGSTMGMLAALTIATPF
DSIYFGLCGFNSTLACIAIGGMFYVITWQTHLLAIACALFAAYLGAALANMLSVFGLPPCTWPFCLSALTFLLLTTNNPA
IYKLPLSKVTYPEANRIYYLSQEAENLYFQ
;
_entity_poly.pdbx_strand_id   A,C,B
#
# COMPACT_ATOMS: atom_id res chain seq x y z
N LEU A 91 -34.44 2.91 37.38
CA LEU A 91 -34.11 3.87 38.43
C LEU A 91 -32.79 4.57 38.13
N SER A 92 -32.40 5.49 39.03
CA SER A 92 -31.14 6.20 38.86
C SER A 92 -29.94 5.32 39.16
N LYS A 93 -30.13 4.22 39.89
CA LYS A 93 -29.01 3.36 40.25
C LYS A 93 -28.51 2.58 39.04
N ALA A 94 -29.44 2.05 38.23
CA ALA A 94 -29.03 1.32 37.03
C ALA A 94 -28.42 2.22 35.97
N VAL A 95 -28.72 3.53 36.01
CA VAL A 95 -28.21 4.47 35.02
C VAL A 95 -26.72 4.69 35.22
N GLY A 96 -26.16 4.09 36.27
CA GLY A 96 -24.73 4.15 36.51
C GLY A 96 -24.04 2.85 36.21
N TYR A 97 -24.73 1.73 36.45
CA TYR A 97 -24.19 0.40 36.22
C TYR A 97 -24.52 -0.15 34.84
N LEU A 98 -25.21 0.63 34.00
CA LEU A 98 -25.52 0.22 32.65
C LEU A 98 -24.88 1.10 31.58
N THR A 99 -24.30 2.24 31.95
CA THR A 99 -23.69 3.15 31.00
C THR A 99 -22.17 3.03 31.06
N GLY A 100 -21.51 3.66 30.08
CA GLY A 100 -20.06 3.62 30.03
C GLY A 100 -19.56 2.24 29.65
N ASP A 101 -18.36 1.92 30.14
CA ASP A 101 -17.76 0.62 29.90
C ASP A 101 -18.21 -0.45 30.89
N MET A 102 -19.10 -0.11 31.81
CA MET A 102 -19.59 -1.03 32.84
C MET A 102 -18.43 -1.65 33.62
N LYS A 103 -17.69 -0.78 34.30
CA LYS A 103 -16.54 -1.24 35.08
C LYS A 103 -16.98 -1.96 36.34
N GLU A 104 -18.11 -1.57 36.93
CA GLU A 104 -18.60 -2.24 38.13
C GLU A 104 -19.00 -3.68 37.83
N TYR A 105 -19.77 -3.88 36.75
CA TYR A 105 -20.14 -5.23 36.35
C TYR A 105 -18.92 -6.04 35.94
N ARG A 106 -17.92 -5.40 35.34
CA ARG A 106 -16.70 -6.10 34.98
C ARG A 106 -15.95 -6.57 36.22
N ILE A 107 -15.86 -5.71 37.24
CA ILE A 107 -15.20 -6.11 38.48
C ILE A 107 -15.99 -7.19 39.19
N TRP A 108 -17.32 -7.17 39.09
CA TRP A 108 -18.12 -8.21 39.71
C TRP A 108 -17.95 -9.54 39.00
N LEU A 109 -17.84 -9.52 37.66
CA LEU A 109 -17.72 -10.75 36.89
C LEU A 109 -16.28 -11.27 36.82
N LYS A 110 -15.30 -10.44 37.20
CA LYS A 110 -13.90 -10.85 37.12
C LYS A 110 -13.62 -12.13 37.90
N ASP A 111 -14.41 -12.43 38.91
CA ASP A 111 -14.17 -13.57 39.79
C ASP A 111 -15.27 -14.62 39.68
N LYS A 112 -15.71 -14.90 38.45
CA LYS A 112 -16.75 -15.89 38.20
C LYS A 112 -16.26 -16.94 37.22
N HIS A 113 -17.18 -17.82 36.81
CA HIS A 113 -16.85 -18.90 35.88
C HIS A 113 -16.35 -18.34 34.55
N LEU A 114 -15.30 -18.96 34.00
CA LEU A 114 -14.70 -18.49 32.77
C LEU A 114 -15.67 -18.54 31.59
N ALA A 115 -16.73 -19.35 31.67
CA ALA A 115 -17.73 -19.34 30.61
C ALA A 115 -18.49 -18.01 30.59
N LEU A 116 -18.90 -17.53 31.77
CA LEU A 116 -19.55 -16.23 31.84
C LEU A 116 -18.62 -15.11 31.40
N GLN A 117 -17.34 -15.21 31.78
CA GLN A 117 -16.37 -14.20 31.36
C GLN A 117 -16.19 -14.23 29.84
N PHE A 118 -16.19 -15.41 29.24
CA PHE A 118 -16.07 -15.50 27.79
C PHE A 118 -17.30 -14.93 27.10
N ILE A 119 -18.48 -15.17 27.65
CA ILE A 119 -19.69 -14.57 27.07
C ILE A 119 -19.64 -13.06 27.20
N ASP A 120 -19.13 -12.55 28.31
CA ASP A 120 -18.98 -11.10 28.47
C ASP A 120 -18.00 -10.55 27.45
N TRP A 121 -16.89 -11.26 27.21
CA TRP A 121 -15.93 -10.83 26.21
C TRP A 121 -16.53 -10.82 24.82
N VAL A 122 -17.36 -11.81 24.51
CA VAL A 122 -18.00 -11.86 23.19
C VAL A 122 -18.99 -10.71 23.04
N LEU A 123 -19.73 -10.39 24.10
CA LEU A 123 -20.67 -9.26 24.02
C LEU A 123 -19.91 -7.94 23.87
N ARG A 124 -18.84 -7.76 24.63
CA ARG A 124 -18.04 -6.54 24.50
C ARG A 124 -17.41 -6.44 23.12
N GLY A 125 -17.00 -7.57 22.55
CA GLY A 125 -16.45 -7.55 21.20
C GLY A 125 -17.50 -7.22 20.16
N THR A 126 -18.73 -7.70 20.35
CA THR A 126 -19.82 -7.31 19.48
C THR A 126 -20.05 -5.81 19.55
N ALA A 127 -20.00 -5.24 20.76
CA ALA A 127 -20.25 -3.81 20.90
C ALA A 127 -19.09 -2.97 20.39
N GLN A 128 -17.86 -3.50 20.44
CA GLN A 128 -16.65 -2.74 20.14
C GLN A 128 -16.50 -2.37 18.67
N VAL A 129 -17.40 -2.82 17.79
CA VAL A 129 -17.35 -2.38 16.40
C VAL A 129 -17.51 -0.87 16.31
N MET A 130 -18.41 -0.32 17.12
CA MET A 130 -18.64 1.12 17.17
C MET A 130 -18.02 1.74 18.41
N PHE A 131 -16.85 1.24 18.82
CA PHE A 131 -16.04 1.83 19.89
C PHE A 131 -16.80 1.87 21.21
N ILE A 132 -17.46 0.76 21.54
CA ILE A 132 -18.25 0.65 22.76
C ILE A 132 -17.82 -0.61 23.50
N ASN A 133 -17.30 -0.43 24.71
CA ASN A 133 -16.91 -1.54 25.57
C ASN A 133 -18.00 -1.82 26.61
N ASN A 134 -19.19 -2.19 26.14
CA ASN A 134 -20.34 -2.39 27.01
C ASN A 134 -21.01 -3.72 26.68
N PRO A 135 -21.19 -4.61 27.65
CA PRO A 135 -21.88 -5.88 27.35
C PRO A 135 -23.36 -5.73 27.09
N LEU A 136 -24.04 -4.77 27.74
CA LEU A 136 -25.45 -4.57 27.45
C LEU A 136 -25.66 -3.99 26.06
N SER A 137 -24.78 -3.07 25.66
CA SER A 137 -24.82 -2.59 24.28
C SER A 137 -24.57 -3.73 23.30
N GLY A 138 -23.67 -4.65 23.66
CA GLY A 138 -23.46 -5.82 22.82
C GLY A 138 -24.69 -6.70 22.73
N LEU A 139 -25.41 -6.86 23.84
CA LEU A 139 -26.65 -7.62 23.82
C LEU A 139 -27.69 -6.96 22.91
N ILE A 140 -27.82 -5.63 23.00
CA ILE A 140 -28.78 -4.94 22.16
C ILE A 140 -28.38 -5.02 20.69
N ILE A 141 -27.08 -4.98 20.41
CA ILE A 141 -26.60 -5.10 19.04
C ILE A 141 -26.86 -6.50 18.50
N PHE A 142 -26.73 -7.51 19.36
CA PHE A 142 -27.04 -8.88 18.97
C PHE A 142 -28.53 -9.04 18.69
N ILE A 143 -29.35 -8.36 19.49
CA ILE A 143 -30.79 -8.36 19.27
C ILE A 143 -31.10 -7.73 17.92
N GLY A 144 -30.42 -6.62 17.61
CA GLY A 144 -30.60 -6.00 16.30
C GLY A 144 -30.17 -6.90 15.16
N LEU A 145 -29.05 -7.60 15.33
CA LEU A 145 -28.60 -8.55 14.32
C LEU A 145 -29.61 -9.66 14.13
N LEU A 146 -30.23 -10.12 15.21
CA LEU A 146 -31.30 -11.11 15.10
C LEU A 146 -32.52 -10.54 14.38
N ILE A 147 -32.82 -9.27 14.62
CA ILE A 147 -33.93 -8.62 13.91
C ILE A 147 -33.64 -8.56 12.42
N GLN A 148 -32.39 -8.30 12.05
CA GLN A 148 -32.04 -8.23 10.64
C GLN A 148 -32.09 -9.60 9.97
N ASN A 149 -31.22 -10.51 10.41
CA ASN A 149 -31.13 -11.83 9.81
C ASN A 149 -30.50 -12.79 10.81
N PRO A 150 -31.25 -13.79 11.28
CA PRO A 150 -30.67 -14.75 12.24
C PRO A 150 -29.48 -15.53 11.69
N TRP A 151 -29.43 -15.77 10.38
CA TRP A 151 -28.26 -16.40 9.79
C TRP A 151 -27.04 -15.49 9.90
N TRP A 152 -27.23 -14.19 9.68
CA TRP A 152 -26.13 -13.24 9.78
C TRP A 152 -25.63 -13.14 11.21
N THR A 153 -26.53 -13.17 12.20
CA THR A 153 -26.08 -13.11 13.58
C THR A 153 -25.43 -14.42 14.01
N ILE A 154 -25.87 -15.56 13.44
CA ILE A 154 -25.17 -16.82 13.69
C ILE A 154 -23.73 -16.72 13.20
N THR A 155 -23.55 -16.27 11.96
CA THR A 155 -22.20 -16.16 11.41
C THR A 155 -21.36 -15.15 12.20
N GLY A 156 -21.96 -14.03 12.60
CA GLY A 156 -21.24 -13.03 13.37
C GLY A 156 -20.83 -13.51 14.75
N GLY A 157 -21.72 -14.22 15.43
CA GLY A 157 -21.42 -14.76 16.74
C GLY A 157 -20.33 -15.80 16.63
N LEU A 158 -20.39 -16.63 15.60
CA LEU A 158 -19.35 -17.63 15.38
C LEU A 158 -18.01 -16.96 15.15
N GLY A 159 -18.01 -15.90 14.33
CA GLY A 159 -16.78 -15.18 14.08
C GLY A 159 -16.21 -14.56 15.34
N THR A 160 -17.06 -13.95 16.16
CA THR A 160 -16.58 -13.34 17.40
C THR A 160 -16.01 -14.39 18.35
N VAL A 161 -16.73 -15.50 18.51
CA VAL A 161 -16.25 -16.57 19.39
C VAL A 161 -14.92 -17.11 18.90
N VAL A 162 -14.79 -17.33 17.59
CA VAL A 162 -13.57 -17.91 17.05
C VAL A 162 -12.41 -16.93 17.17
N SER A 163 -12.67 -15.63 16.97
CA SER A 163 -11.60 -14.64 17.10
C SER A 163 -11.15 -14.51 18.55
N THR A 164 -12.09 -14.52 19.50
CA THR A 164 -11.70 -14.46 20.91
C THR A 164 -10.92 -15.71 21.32
N LEU A 165 -11.34 -16.87 20.84
CA LEU A 165 -10.60 -18.10 21.14
C LEU A 165 -9.21 -18.09 20.53
N THR A 166 -9.08 -17.57 19.31
CA THR A 166 -7.76 -17.49 18.68
C THR A 166 -6.87 -16.48 19.39
N ALA A 167 -7.45 -15.41 19.91
CA ALA A 167 -6.66 -14.46 20.69
C ALA A 167 -6.23 -15.08 22.02
N LEU A 168 -7.07 -15.92 22.61
CA LEU A 168 -6.67 -16.62 23.83
C LEU A 168 -5.56 -17.63 23.56
N ALA A 169 -5.67 -18.38 22.46
CA ALA A 169 -4.67 -19.39 22.15
C ALA A 169 -3.34 -18.77 21.74
N LEU A 170 -3.38 -17.62 21.07
CA LEU A 170 -2.16 -16.93 20.66
C LEU A 170 -1.56 -16.08 21.76
N GLY A 171 -1.94 -16.30 23.01
CA GLY A 171 -1.34 -15.58 24.13
C GLY A 171 -1.44 -14.08 24.04
N GLN A 172 -2.51 -13.56 23.46
CA GLN A 172 -2.67 -12.13 23.34
C GLN A 172 -2.93 -11.51 24.71
N ASP A 173 -2.88 -10.18 24.76
CA ASP A 173 -3.05 -9.46 26.01
C ASP A 173 -4.44 -9.73 26.59
N ARG A 174 -4.47 -10.19 27.85
CA ARG A 174 -5.74 -10.55 28.47
C ARG A 174 -6.62 -9.34 28.71
N SER A 175 -6.02 -8.18 28.96
CA SER A 175 -6.82 -6.97 29.15
C SER A 175 -7.47 -6.51 27.86
N ALA A 176 -6.86 -6.80 26.71
CA ALA A 176 -7.46 -6.47 25.43
C ALA A 176 -8.52 -7.47 25.03
N ILE A 177 -8.34 -8.74 25.39
CA ILE A 177 -9.38 -9.74 25.12
C ILE A 177 -10.60 -9.49 26.00
N ALA A 178 -10.37 -9.15 27.27
CA ALA A 178 -11.48 -8.87 28.18
C ALA A 178 -12.22 -7.60 27.80
N SER A 179 -11.61 -6.73 26.99
CA SER A 179 -12.24 -5.49 26.55
C SER A 179 -12.88 -5.62 25.18
N GLY A 180 -12.97 -6.83 24.63
CA GLY A 180 -13.57 -7.03 23.34
C GLY A 180 -12.76 -6.54 22.16
N LEU A 181 -11.50 -6.14 22.38
CA LEU A 181 -10.68 -5.64 21.29
C LEU A 181 -10.23 -6.72 20.33
N HIS A 182 -10.53 -7.99 20.61
CA HIS A 182 -10.18 -9.10 19.73
C HIS A 182 -11.40 -9.82 19.19
N GLY A 183 -12.57 -9.19 19.25
CA GLY A 183 -13.79 -9.83 18.80
C GLY A 183 -14.58 -9.05 17.77
N TYR A 184 -14.35 -7.74 17.67
CA TYR A 184 -15.15 -6.95 16.73
C TYR A 184 -14.73 -7.21 15.29
N ASN A 185 -13.44 -7.43 15.05
CA ASN A 185 -13.00 -7.77 13.70
C ASN A 185 -13.59 -9.11 13.26
N GLY A 186 -13.65 -10.09 14.15
CA GLY A 186 -14.26 -11.36 13.80
C GLY A 186 -15.76 -11.26 13.63
N MET A 187 -16.41 -10.43 14.45
CA MET A 187 -17.83 -10.16 14.26
C MET A 187 -18.11 -9.62 12.86
N LEU A 188 -17.34 -8.60 12.46
CA LEU A 188 -17.54 -8.04 11.13
C LEU A 188 -17.16 -9.02 10.03
N VAL A 189 -16.13 -9.84 10.25
CA VAL A 189 -15.75 -10.84 9.26
C VAL A 189 -16.91 -11.80 9.02
N GLY A 190 -17.44 -12.40 10.08
CA GLY A 190 -18.56 -13.31 9.93
C GLY A 190 -19.77 -12.65 9.30
N LEU A 191 -20.11 -11.46 9.79
CA LEU A 191 -21.27 -10.74 9.28
C LEU A 191 -21.15 -10.50 7.78
N LEU A 192 -20.06 -9.84 7.35
CA LEU A 192 -19.93 -9.48 5.95
C LEU A 192 -19.58 -10.66 5.05
N MET A 193 -19.14 -11.79 5.62
CA MET A 193 -19.01 -12.99 4.81
C MET A 193 -20.36 -13.66 4.59
N ALA A 194 -21.29 -13.51 5.53
CA ALA A 194 -22.65 -13.97 5.29
C ALA A 194 -23.42 -13.00 4.40
N VAL A 195 -23.14 -11.70 4.49
CA VAL A 195 -23.86 -10.72 3.69
C VAL A 195 -23.53 -10.87 2.21
N PHE A 196 -22.24 -11.03 1.88
CA PHE A 196 -21.78 -11.09 0.51
C PHE A 196 -21.64 -12.52 0.01
N SER A 197 -22.48 -13.42 0.47
CA SER A 197 -22.50 -14.81 0.01
C SER A 197 -23.60 -14.98 -1.03
N GLU A 198 -23.25 -15.52 -2.19
CA GLU A 198 -24.23 -15.71 -3.26
C GLU A 198 -25.22 -16.81 -2.89
N LYS A 199 -24.84 -17.74 -2.03
CA LYS A 199 -25.74 -18.81 -1.63
C LYS A 199 -26.88 -18.25 -0.78
N LEU A 200 -27.84 -19.11 -0.46
CA LEU A 200 -29.00 -18.73 0.32
C LEU A 200 -28.61 -18.56 1.79
N ASP A 201 -29.60 -18.33 2.63
CA ASP A 201 -29.35 -18.31 4.07
C ASP A 201 -29.11 -19.72 4.57
N TYR A 202 -28.48 -19.80 5.74
CA TYR A 202 -28.21 -21.07 6.42
C TYR A 202 -27.43 -22.03 5.55
N TYR A 203 -26.54 -21.49 4.71
CA TYR A 203 -25.58 -22.30 3.96
C TYR A 203 -24.47 -22.68 4.93
N TRP A 204 -24.71 -23.76 5.69
CA TRP A 204 -23.88 -24.10 6.82
C TRP A 204 -22.43 -24.34 6.45
N TRP A 205 -22.15 -24.63 5.17
CA TRP A 205 -20.77 -24.79 4.74
C TRP A 205 -20.00 -23.48 4.79
N LEU A 206 -20.70 -22.34 4.86
CA LEU A 206 -20.03 -21.05 4.99
C LEU A 206 -19.36 -20.88 6.34
N LEU A 207 -19.72 -21.70 7.33
CA LEU A 207 -19.13 -21.57 8.66
C LEU A 207 -17.68 -22.03 8.71
N PHE A 208 -17.20 -22.76 7.72
CA PHE A 208 -15.79 -23.15 7.69
C PHE A 208 -14.92 -21.96 7.28
N PRO A 209 -15.23 -21.25 6.18
CA PRO A 209 -14.46 -20.05 5.88
C PRO A 209 -14.61 -18.97 6.94
N VAL A 210 -15.78 -18.86 7.56
CA VAL A 210 -15.99 -17.89 8.63
C VAL A 210 -15.00 -18.15 9.75
N THR A 211 -14.90 -19.40 10.17
CA THR A 211 -13.99 -19.79 11.24
C THR A 211 -12.54 -19.55 10.83
N PHE A 212 -12.17 -20.01 9.65
CA PHE A 212 -10.77 -19.93 9.21
C PHE A 212 -10.33 -18.49 8.92
N THR A 213 -11.28 -17.59 8.69
CA THR A 213 -10.95 -16.20 8.43
C THR A 213 -11.00 -15.39 9.71
N ALA A 214 -11.83 -15.80 10.66
CA ALA A 214 -11.91 -15.13 11.94
C ALA A 214 -10.71 -15.51 12.79
N MET A 215 -10.14 -16.68 12.52
CA MET A 215 -8.91 -17.09 13.20
C MET A 215 -7.74 -16.18 12.82
N SER A 216 -7.78 -15.63 11.61
CA SER A 216 -6.70 -14.79 11.10
C SER A 216 -6.82 -13.34 11.53
N CYS A 217 -7.87 -12.99 12.28
CA CYS A 217 -8.05 -11.61 12.71
C CYS A 217 -7.14 -11.26 13.89
N PRO A 218 -6.94 -12.15 14.88
CA PRO A 218 -5.94 -11.82 15.91
C PRO A 218 -4.54 -11.67 15.37
N VAL A 219 -4.14 -12.49 14.39
CA VAL A 219 -2.80 -12.37 13.81
C VAL A 219 -2.65 -11.03 13.11
N LEU A 220 -3.63 -10.64 12.30
CA LEU A 220 -3.56 -9.36 11.62
C LEU A 220 -3.60 -8.21 12.62
N SER A 221 -4.39 -8.36 13.68
CA SER A 221 -4.47 -7.30 14.68
C SER A 221 -3.13 -7.12 15.40
N SER A 222 -2.46 -8.23 15.73
CA SER A 222 -1.18 -8.15 16.41
C SER A 222 -0.09 -7.61 15.49
N ALA A 223 -0.11 -8.00 14.21
CA ALA A 223 0.89 -7.47 13.28
C ALA A 223 0.69 -5.97 13.06
N LEU A 224 -0.56 -5.55 12.83
CA LEU A 224 -0.81 -4.14 12.61
C LEU A 224 -0.61 -3.33 13.88
N ASN A 225 -0.78 -3.94 15.05
CA ASN A 225 -0.46 -3.23 16.28
C ASN A 225 1.04 -3.07 16.45
N SER A 226 1.81 -4.11 16.09
CA SER A 226 3.26 -3.98 16.10
C SER A 226 3.72 -2.89 15.14
N ILE A 227 3.00 -2.69 14.04
CA ILE A 227 3.35 -1.61 13.12
C ILE A 227 2.95 -0.26 13.68
N PHE A 228 1.70 -0.12 14.14
CA PHE A 228 1.14 1.17 14.52
C PHE A 228 1.59 1.65 15.89
N SER A 229 2.16 0.78 16.73
CA SER A 229 2.54 1.20 18.07
C SER A 229 3.58 2.30 18.06
N LYS A 230 4.30 2.48 16.95
CA LYS A 230 5.27 3.55 16.84
C LYS A 230 4.62 4.93 16.66
N TRP A 231 3.32 4.97 16.34
CA TRP A 231 2.59 6.23 16.19
C TRP A 231 1.38 6.30 17.09
N ASP A 232 1.21 5.35 18.01
CA ASP A 232 0.07 5.33 18.94
C ASP A 232 -1.25 5.29 18.19
N LEU A 233 -1.33 4.42 17.18
CA LEU A 233 -2.51 4.33 16.34
C LEU A 233 -3.28 3.04 16.57
N PRO A 234 -4.61 3.09 16.54
CA PRO A 234 -5.40 1.85 16.50
C PRO A 234 -5.51 1.31 15.08
N VAL A 235 -5.89 0.04 14.97
CA VAL A 235 -6.08 -0.57 13.67
C VAL A 235 -7.48 -0.28 13.12
N PHE A 236 -8.47 -0.18 14.01
CA PHE A 236 -9.83 0.32 13.80
C PHE A 236 -10.78 -0.57 13.04
N THR A 237 -10.25 -1.43 12.16
CA THR A 237 -10.95 -2.52 11.47
C THR A 237 -10.05 -3.16 10.43
N LEU A 238 -8.74 -2.91 10.52
CA LEU A 238 -7.85 -3.31 9.44
C LEU A 238 -7.67 -4.83 9.38
N PRO A 239 -7.62 -5.55 10.50
CA PRO A 239 -7.69 -7.01 10.38
C PRO A 239 -8.92 -7.46 9.63
N PHE A 240 -10.08 -6.90 9.96
CA PHE A 240 -11.32 -7.27 9.28
C PHE A 240 -11.24 -6.94 7.80
N ASN A 241 -10.81 -5.73 7.46
CA ASN A 241 -10.76 -5.32 6.07
C ASN A 241 -9.83 -6.23 5.27
N ILE A 242 -8.63 -6.46 5.78
CA ILE A 242 -7.66 -7.31 5.12
C ILE A 242 -8.22 -8.71 4.94
N ALA A 243 -8.75 -9.31 6.01
CA ALA A 243 -9.25 -10.67 5.96
C ALA A 243 -10.42 -10.84 5.00
N VAL A 244 -11.38 -9.92 5.05
CA VAL A 244 -12.57 -10.04 4.22
C VAL A 244 -12.27 -9.72 2.76
N THR A 245 -11.40 -8.73 2.49
CA THR A 245 -10.97 -8.50 1.11
C THR A 245 -10.23 -9.71 0.57
N LEU A 246 -9.34 -10.30 1.38
CA LEU A 246 -8.62 -11.50 0.99
C LEU A 246 -9.59 -12.64 0.67
N TYR A 247 -10.60 -12.83 1.52
CA TYR A 247 -11.55 -13.91 1.30
C TYR A 247 -12.40 -13.67 0.06
N LEU A 248 -12.96 -12.47 -0.08
CA LEU A 248 -13.84 -12.17 -1.21
C LEU A 248 -13.09 -12.09 -2.52
N ALA A 249 -11.77 -11.93 -2.49
CA ALA A 249 -10.98 -12.04 -3.71
C ALA A 249 -10.54 -13.46 -3.99
N ALA A 250 -10.25 -14.24 -2.95
CA ALA A 250 -9.86 -15.63 -3.14
C ALA A 250 -11.02 -16.46 -3.69
N THR A 251 -12.22 -16.28 -3.13
CA THR A 251 -13.37 -17.00 -3.62
C THR A 251 -13.94 -16.35 -4.89
N GLY A 252 -14.41 -15.12 -4.75
CA GLY A 252 -14.97 -14.42 -5.89
C GLY A 252 -16.36 -14.90 -6.24
N HIS A 253 -16.94 -14.23 -7.25
CA HIS A 253 -18.29 -14.56 -7.66
C HIS A 253 -18.38 -15.93 -8.32
N TYR A 254 -17.34 -16.32 -9.06
CA TYR A 254 -17.36 -17.56 -9.83
C TYR A 254 -16.71 -18.72 -9.10
N ASN A 255 -16.78 -18.73 -7.78
CA ASN A 255 -16.28 -19.85 -7.01
C ASN A 255 -17.33 -20.96 -6.97
N LEU A 256 -16.85 -22.20 -6.84
CA LEU A 256 -17.77 -23.34 -6.87
C LEU A 256 -18.36 -23.65 -5.51
N PHE A 257 -17.60 -23.44 -4.43
CA PHE A 257 -18.09 -23.76 -3.09
C PHE A 257 -18.77 -22.56 -2.44
N PHE A 258 -18.05 -21.43 -2.32
CA PHE A 258 -18.53 -20.24 -1.63
C PHE A 258 -18.53 -19.07 -2.61
N PRO A 259 -19.54 -18.97 -3.48
CA PRO A 259 -19.59 -17.84 -4.40
C PRO A 259 -20.06 -16.58 -3.68
N THR A 260 -19.49 -15.45 -4.08
CA THR A 260 -19.86 -14.16 -3.52
C THR A 260 -20.75 -13.40 -4.49
N THR A 261 -21.38 -12.34 -3.99
CA THR A 261 -22.23 -11.53 -4.84
C THR A 261 -21.40 -10.82 -5.91
N LEU A 262 -22.06 -10.50 -7.02
CA LEU A 262 -21.39 -9.85 -8.13
C LEU A 262 -21.31 -8.35 -7.94
N VAL A 263 -20.10 -7.83 -7.87
CA VAL A 263 -19.87 -6.39 -7.80
C VAL A 263 -19.20 -5.94 -9.10
N GLU A 264 -19.85 -5.04 -9.82
CA GLU A 264 -19.33 -4.56 -11.08
C GLU A 264 -19.18 -3.05 -11.09
N PRO A 265 -18.17 -2.54 -11.78
CA PRO A 265 -17.98 -1.10 -11.85
C PRO A 265 -19.09 -0.41 -12.63
N VAL A 266 -19.23 0.90 -12.39
CA VAL A 266 -20.23 1.68 -13.09
C VAL A 266 -19.85 1.79 -14.56
N SER A 267 -20.85 1.72 -15.44
CA SER A 267 -20.60 1.76 -16.87
C SER A 267 -21.56 2.68 -17.61
N SER A 268 -22.38 3.44 -16.92
CA SER A 268 -23.32 4.36 -17.55
C SER A 268 -23.73 5.48 -16.60
N VAL A 269 -23.89 6.68 -17.13
CA VAL A 269 -24.30 7.82 -16.30
C VAL A 269 -25.69 7.57 -15.75
N PRO A 270 -25.80 7.53 -14.41
CA PRO A 270 -27.06 7.18 -13.74
C PRO A 270 -28.18 8.16 -14.04
N ASN A 271 -29.39 7.64 -14.18
CA ASN A 271 -30.57 8.47 -14.39
C ASN A 271 -31.06 8.94 -13.02
N ILE A 272 -30.82 10.21 -12.71
CA ILE A 272 -31.14 10.76 -11.40
C ILE A 272 -32.23 11.80 -11.59
N THR A 273 -33.45 11.47 -11.16
CA THR A 273 -34.59 12.37 -11.21
C THR A 273 -34.75 12.99 -9.82
N TRP A 274 -34.37 14.25 -9.68
CA TRP A 274 -34.39 14.90 -8.38
C TRP A 274 -35.80 15.23 -7.90
N THR A 275 -36.81 15.13 -8.77
CA THR A 275 -38.17 15.31 -8.31
C THR A 275 -38.70 14.05 -7.63
N GLU A 276 -38.32 12.88 -8.14
CA GLU A 276 -38.66 11.61 -7.52
C GLU A 276 -37.71 11.33 -6.34
N MET A 277 -37.80 12.19 -5.34
CA MET A 277 -36.91 12.18 -4.20
C MET A 277 -37.74 12.09 -2.93
N GLU A 278 -37.46 11.08 -2.10
CA GLU A 278 -38.22 10.82 -0.89
C GLU A 278 -37.38 11.25 0.31
N MET A 279 -37.80 12.34 0.96
CA MET A 279 -37.15 12.82 2.16
C MET A 279 -37.43 11.92 3.36
N PRO A 280 -38.64 11.34 3.48
CA PRO A 280 -38.80 10.27 4.46
C PRO A 280 -37.73 9.19 4.39
N LEU A 281 -37.44 8.67 3.19
CA LEU A 281 -36.40 7.68 3.06
C LEU A 281 -35.01 8.27 3.31
N LEU A 282 -34.81 9.54 2.97
CA LEU A 282 -33.54 10.18 3.25
C LEU A 282 -33.26 10.22 4.74
N LEU A 283 -34.26 10.58 5.54
CA LEU A 283 -34.10 10.57 6.99
C LEU A 283 -34.04 9.16 7.54
N GLN A 284 -34.74 8.21 6.92
CA GLN A 284 -34.63 6.82 7.33
C GLN A 284 -33.24 6.26 7.06
N ALA A 285 -32.51 6.87 6.12
CA ALA A 285 -31.15 6.43 5.82
C ALA A 285 -30.14 6.80 6.90
N ILE A 286 -30.53 7.51 7.95
CA ILE A 286 -29.61 7.80 9.04
C ILE A 286 -29.51 6.60 9.97
N PRO A 287 -30.62 6.04 10.47
CA PRO A 287 -30.48 4.78 11.23
C PRO A 287 -30.04 3.62 10.36
N VAL A 288 -30.47 3.57 9.10
CA VAL A 288 -29.97 2.55 8.19
C VAL A 288 -28.48 2.73 7.94
N GLY A 289 -28.01 3.99 7.90
CA GLY A 289 -26.60 4.23 7.76
C GLY A 289 -25.80 3.81 8.98
N VAL A 290 -26.38 3.97 10.17
CA VAL A 290 -25.72 3.50 11.39
C VAL A 290 -25.72 1.97 11.41
N GLY A 291 -26.79 1.34 10.94
CA GLY A 291 -26.88 -0.11 10.95
C GLY A 291 -26.06 -0.80 9.88
N GLN A 292 -25.74 -0.10 8.80
CA GLN A 292 -24.88 -0.67 7.77
C GLN A 292 -23.44 -0.85 8.23
N VAL A 293 -23.08 -0.37 9.41
CA VAL A 293 -21.77 -0.67 9.98
C VAL A 293 -21.61 -2.16 10.16
N TYR A 294 -22.68 -2.86 10.51
CA TYR A 294 -22.69 -4.31 10.64
C TYR A 294 -23.22 -5.00 9.39
N GLY A 295 -23.60 -4.25 8.37
CA GLY A 295 -24.15 -4.84 7.16
C GLY A 295 -25.65 -5.00 7.15
N CYS A 296 -26.36 -4.34 8.06
CA CYS A 296 -27.80 -4.51 8.20
C CYS A 296 -28.51 -3.29 7.61
N ASP A 297 -29.31 -3.52 6.57
CA ASP A 297 -30.04 -2.44 5.89
C ASP A 297 -31.43 -2.22 6.47
N ASN A 298 -31.76 -2.86 7.58
CA ASN A 298 -33.07 -2.67 8.19
C ASN A 298 -33.04 -1.43 9.10
N PRO A 299 -34.06 -0.57 9.04
CA PRO A 299 -34.04 0.61 9.89
C PRO A 299 -34.24 0.31 11.38
N TRP A 300 -34.95 -0.77 11.71
CA TRP A 300 -35.15 -1.10 13.12
C TRP A 300 -33.87 -1.57 13.78
N THR A 301 -33.04 -2.32 13.03
CA THR A 301 -31.74 -2.71 13.57
C THR A 301 -30.85 -1.49 13.78
N GLY A 302 -30.90 -0.54 12.85
CA GLY A 302 -30.16 0.70 13.04
C GLY A 302 -30.65 1.47 14.25
N GLY A 303 -31.95 1.49 14.48
CA GLY A 303 -32.51 2.11 15.67
C GLY A 303 -32.04 1.45 16.95
N VAL A 304 -32.01 0.12 16.94
CA VAL A 304 -31.51 -0.63 18.09
C VAL A 304 -30.04 -0.34 18.35
N PHE A 305 -29.27 -0.22 17.27
CA PHE A 305 -27.86 0.11 17.37
C PHE A 305 -27.68 1.50 17.97
N LEU A 306 -28.52 2.43 17.54
CA LEU A 306 -28.50 3.79 18.11
C LEU A 306 -28.85 3.78 19.59
N VAL A 307 -29.80 2.94 19.96
CA VAL A 307 -30.19 2.79 21.36
C VAL A 307 -29.01 2.29 22.19
N ALA A 308 -28.30 1.29 21.66
CA ALA A 308 -27.12 0.75 22.33
C ALA A 308 -26.04 1.81 22.48
N LEU A 309 -25.79 2.53 21.38
CA LEU A 309 -24.83 3.64 21.39
C LEU A 309 -25.18 4.64 22.49
N PHE A 310 -26.46 5.00 22.60
CA PHE A 310 -26.86 5.99 23.58
C PHE A 310 -26.71 5.46 25.00
N ILE A 311 -27.16 4.23 25.26
CA ILE A 311 -27.07 3.71 26.61
C ILE A 311 -25.62 3.48 27.03
N SER A 312 -24.70 3.36 26.08
CA SER A 312 -23.29 3.32 26.48
C SER A 312 -22.69 4.71 26.59
N SER A 313 -22.82 5.52 25.55
CA SER A 313 -22.31 6.89 25.56
C SER A 313 -23.14 7.77 24.64
N PRO A 314 -23.88 8.74 25.18
CA PRO A 314 -24.72 9.60 24.32
C PRO A 314 -23.92 10.36 23.26
N LEU A 315 -22.67 10.72 23.56
CA LEU A 315 -21.86 11.43 22.57
C LEU A 315 -21.53 10.52 21.39
N ILE A 316 -21.33 9.23 21.64
CA ILE A 316 -21.07 8.30 20.55
C ILE A 316 -22.29 8.19 19.65
N CYS A 317 -23.49 8.13 20.25
CA CYS A 317 -24.71 8.06 19.45
C CYS A 317 -24.91 9.35 18.65
N LEU A 318 -24.64 10.50 19.26
CA LEU A 318 -24.77 11.76 18.56
C LEU A 318 -23.82 11.82 17.37
N HIS A 319 -22.56 11.47 17.57
CA HIS A 319 -21.60 11.52 16.48
C HIS A 319 -21.90 10.47 15.42
N ALA A 320 -22.47 9.32 15.81
CA ALA A 320 -22.89 8.34 14.81
C ALA A 320 -23.99 8.90 13.93
N ALA A 321 -25.01 9.50 14.54
CA ALA A 321 -26.08 10.10 13.76
C ALA A 321 -25.57 11.21 12.85
N ILE A 322 -24.68 12.06 13.37
CA ILE A 322 -24.15 13.17 12.58
C ILE A 322 -23.29 12.64 11.44
N GLY A 323 -22.52 11.59 11.69
CA GLY A 323 -21.72 11.01 10.62
C GLY A 323 -22.57 10.39 9.53
N SER A 324 -23.67 9.74 9.92
CA SER A 324 -24.58 9.19 8.91
C SER A 324 -25.22 10.31 8.09
N ILE A 325 -25.59 11.41 8.73
CA ILE A 325 -26.14 12.56 8.02
C ILE A 325 -25.12 13.13 7.04
N VAL A 326 -23.87 13.25 7.50
CA VAL A 326 -22.80 13.79 6.67
C VAL A 326 -22.55 12.89 5.47
N GLY A 327 -22.62 11.59 5.69
CA GLY A 327 -22.50 10.62 4.61
C GLY A 327 -23.58 10.78 3.57
N LEU A 328 -24.82 10.92 4.03
CA LEU A 328 -25.95 11.12 3.12
C LEU A 328 -25.79 12.42 2.31
N LEU A 329 -25.36 13.48 2.98
CA LEU A 329 -25.17 14.77 2.33
C LEU A 329 -24.07 14.71 1.28
N ALA A 330 -22.94 14.08 1.63
CA ALA A 330 -21.87 13.92 0.66
C ALA A 330 -22.27 13.00 -0.49
N ALA A 331 -23.14 12.03 -0.24
CA ALA A 331 -23.70 11.23 -1.33
C ALA A 331 -24.51 12.11 -2.27
N LEU A 332 -25.35 12.97 -1.71
CA LEU A 332 -26.15 13.86 -2.55
C LEU A 332 -25.27 14.82 -3.34
N SER A 333 -24.16 15.26 -2.75
CA SER A 333 -23.33 16.28 -3.38
C SER A 333 -22.54 15.79 -4.59
N VAL A 334 -22.36 14.47 -4.68
CA VAL A 334 -21.60 13.91 -5.80
C VAL A 334 -22.51 13.21 -6.79
N ALA A 335 -23.80 13.53 -6.73
CA ALA A 335 -24.81 12.96 -7.63
C ALA A 335 -24.82 11.44 -7.59
N THR A 336 -25.41 10.88 -6.55
CA THR A 336 -25.50 9.44 -6.34
C THR A 336 -26.94 8.99 -6.55
N PRO A 337 -27.16 7.82 -7.16
CA PRO A 337 -28.52 7.29 -7.26
C PRO A 337 -29.17 7.14 -5.90
N PHE A 338 -30.45 7.52 -5.83
CA PHE A 338 -31.15 7.53 -4.54
C PHE A 338 -31.27 6.14 -3.95
N GLU A 339 -31.31 5.10 -4.79
CA GLU A 339 -31.40 3.74 -4.28
C GLU A 339 -30.17 3.36 -3.47
N THR A 340 -29.02 3.93 -3.80
CA THR A 340 -27.80 3.66 -3.03
C THR A 340 -27.75 4.49 -1.76
N ILE A 341 -28.32 5.68 -1.77
CA ILE A 341 -28.33 6.51 -0.56
C ILE A 341 -29.30 5.94 0.47
N TYR A 342 -30.47 5.48 0.01
CA TYR A 342 -31.44 4.92 0.94
C TYR A 342 -30.91 3.67 1.63
N THR A 343 -30.17 2.84 0.90
CA THR A 343 -29.64 1.60 1.44
C THR A 343 -28.67 1.81 2.59
N GLY A 344 -28.17 3.03 2.79
CA GLY A 344 -27.19 3.30 3.81
C GLY A 344 -25.78 2.91 3.43
N LEU A 345 -25.55 2.51 2.19
CA LEU A 345 -24.22 2.15 1.68
C LEU A 345 -23.32 3.33 1.50
N TRP A 346 -23.75 4.52 1.94
CA TRP A 346 -22.97 5.73 1.85
C TRP A 346 -22.70 6.37 3.20
N SER A 347 -23.24 5.82 4.29
CA SER A 347 -23.19 6.47 5.59
C SER A 347 -22.51 5.67 6.67
N TYR A 348 -22.23 4.38 6.46
CA TYR A 348 -21.67 3.57 7.54
C TYR A 348 -20.17 3.78 7.70
N ASN A 349 -19.48 4.27 6.69
CA ASN A 349 -18.07 4.59 6.81
C ASN A 349 -17.82 5.97 7.39
N CYS A 350 -18.84 6.82 7.45
CA CYS A 350 -18.74 8.11 8.10
C CYS A 350 -19.19 8.05 9.55
N VAL A 351 -20.09 7.14 9.88
CA VAL A 351 -20.50 6.93 11.27
C VAL A 351 -19.29 6.61 12.14
N LEU A 352 -18.50 5.62 11.71
CA LEU A 352 -17.35 5.19 12.49
C LEU A 352 -16.30 6.29 12.55
N SER A 353 -16.11 7.03 11.46
CA SER A 353 -15.12 8.11 11.45
C SER A 353 -15.52 9.23 12.41
N CYS A 354 -16.79 9.64 12.39
CA CYS A 354 -17.23 10.66 13.32
C CYS A 354 -17.11 10.17 14.76
N ILE A 355 -17.52 8.94 15.03
CA ILE A 355 -17.39 8.38 16.38
C ILE A 355 -15.93 8.39 16.83
N ALA A 356 -15.02 8.01 15.94
CA ALA A 356 -13.62 7.89 16.31
C ALA A 356 -12.97 9.25 16.53
N ILE A 357 -13.27 10.22 15.68
CA ILE A 357 -12.58 11.51 15.78
C ILE A 357 -13.21 12.38 16.87
N GLY A 358 -14.53 12.52 16.85
CA GLY A 358 -15.19 13.41 17.79
C GLY A 358 -15.43 12.80 19.15
N GLY A 359 -14.38 12.71 19.98
CA GLY A 359 -14.51 12.35 21.38
C GLY A 359 -13.77 11.08 21.76
N MET A 360 -13.69 10.11 20.85
CA MET A 360 -13.09 8.83 21.20
C MET A 360 -11.56 8.92 21.24
N PHE A 361 -10.94 9.33 20.14
CA PHE A 361 -9.49 9.38 20.06
C PHE A 361 -8.96 10.80 20.00
N TYR A 362 -9.84 11.80 20.04
CA TYR A 362 -9.49 13.19 20.30
C TYR A 362 -10.31 13.67 21.47
N ALA A 363 -9.71 14.54 22.29
CA ALA A 363 -10.48 15.18 23.35
C ALA A 363 -11.59 16.02 22.73
N LEU A 364 -12.83 15.77 23.17
CA LEU A 364 -13.98 16.35 22.50
C LEU A 364 -14.07 17.85 22.79
N THR A 365 -13.88 18.66 21.76
CA THR A 365 -14.12 20.10 21.82
C THR A 365 -14.94 20.49 20.59
N TRP A 366 -15.10 21.78 20.34
CA TRP A 366 -15.79 22.19 19.12
C TRP A 366 -14.86 22.10 17.91
N GLN A 367 -13.57 22.37 18.11
CA GLN A 367 -12.60 22.10 17.05
C GLN A 367 -12.57 20.62 16.71
N THR A 368 -12.60 19.77 17.74
CA THR A 368 -12.64 18.33 17.51
C THR A 368 -13.94 17.92 16.83
N HIS A 369 -15.05 18.58 17.14
CA HIS A 369 -16.31 18.27 16.48
C HIS A 369 -16.26 18.64 14.99
N LEU A 370 -15.71 19.82 14.68
CA LEU A 370 -15.57 20.20 13.27
C LEU A 370 -14.61 19.27 12.55
N LEU A 371 -13.54 18.86 13.23
CA LEU A 371 -12.60 17.91 12.63
C LEU A 371 -13.27 16.56 12.39
N ALA A 372 -14.20 16.18 13.26
CA ALA A 372 -14.94 14.93 13.07
C ALA A 372 -15.89 15.03 11.89
N LEU A 373 -16.54 16.19 11.72
CA LEU A 373 -17.38 16.38 10.55
C LEU A 373 -16.55 16.32 9.27
N ILE A 374 -15.37 16.95 9.29
CA ILE A 374 -14.49 16.92 8.14
C ILE A 374 -14.02 15.51 7.86
N CYS A 375 -13.72 14.74 8.90
CA CYS A 375 -13.29 13.36 8.71
C CYS A 375 -14.42 12.50 8.16
N ALA A 376 -15.66 12.77 8.59
CA ALA A 376 -16.80 12.04 8.05
C ALA A 376 -17.00 12.36 6.57
N LEU A 377 -16.84 13.62 6.18
CA LEU A 377 -16.95 13.99 4.77
C LEU A 377 -15.84 13.34 3.95
N PHE A 378 -14.62 13.37 4.47
CA PHE A 378 -13.49 12.74 3.79
C PHE A 378 -13.70 11.24 3.67
N CYS A 379 -14.31 10.63 4.69
CA CYS A 379 -14.61 9.20 4.62
C CYS A 379 -15.69 8.90 3.60
N ALA A 380 -16.69 9.76 3.48
CA ALA A 380 -17.71 9.56 2.46
C ALA A 380 -17.10 9.58 1.07
N TYR A 381 -16.27 10.59 0.80
CA TYR A 381 -15.68 10.69 -0.54
C TYR A 381 -14.66 9.59 -0.79
N MET A 382 -13.89 9.22 0.24
CA MET A 382 -12.95 8.12 0.09
C MET A 382 -13.66 6.80 -0.08
N GLU A 383 -14.84 6.63 0.53
CA GLU A 383 -15.61 5.41 0.32
C GLU A 383 -16.17 5.36 -1.08
N ALA A 384 -16.63 6.49 -1.61
CA ALA A 384 -16.98 6.55 -3.03
C ALA A 384 -15.81 6.08 -3.89
N ALA A 385 -14.64 6.65 -3.65
CA ALA A 385 -13.46 6.30 -4.44
C ALA A 385 -13.12 4.82 -4.33
N ILE A 386 -13.06 4.31 -3.11
CA ILE A 386 -12.65 2.93 -2.88
C ILE A 386 -13.69 1.95 -3.41
N SER A 387 -14.97 2.31 -3.32
CA SER A 387 -16.01 1.48 -3.91
C SER A 387 -15.86 1.41 -5.42
N ASN A 388 -15.71 2.56 -6.08
CA ASN A 388 -15.55 2.59 -7.53
C ASN A 388 -14.27 1.90 -7.98
N ILE A 389 -13.27 1.86 -7.11
CA ILE A 389 -11.97 1.27 -7.46
C ILE A 389 -11.93 -0.23 -7.20
N MET A 390 -12.63 -0.70 -6.18
CA MET A 390 -12.60 -2.10 -5.83
C MET A 390 -13.74 -2.88 -6.47
N SER A 391 -14.69 -2.16 -7.07
CA SER A 391 -15.69 -2.85 -7.89
C SER A 391 -15.07 -3.44 -9.15
N VAL A 392 -13.92 -2.93 -9.59
CA VAL A 392 -13.21 -3.46 -10.74
C VAL A 392 -12.67 -4.85 -10.42
N VAL A 393 -12.26 -5.03 -9.17
CA VAL A 393 -11.75 -6.32 -8.72
C VAL A 393 -12.87 -7.20 -8.20
N GLY A 394 -14.07 -6.62 -8.12
CA GLY A 394 -15.26 -7.34 -7.70
C GLY A 394 -15.44 -7.43 -6.20
N VAL A 395 -14.75 -6.57 -5.47
CA VAL A 395 -14.76 -6.60 -4.01
C VAL A 395 -15.48 -5.37 -3.49
N PRO A 396 -16.35 -5.50 -2.49
CA PRO A 396 -17.01 -4.31 -1.91
C PRO A 396 -16.01 -3.47 -1.15
N PRO A 397 -16.33 -2.18 -0.90
CA PRO A 397 -15.36 -1.31 -0.24
C PRO A 397 -15.06 -1.68 1.20
N GLY A 398 -15.95 -2.41 1.87
CA GLY A 398 -15.71 -2.71 3.27
C GLY A 398 -15.70 -1.45 4.10
N THR A 399 -14.80 -1.42 5.08
CA THR A 399 -14.58 -0.23 5.91
C THR A 399 -13.17 0.33 5.71
N TRP A 400 -12.66 0.23 4.49
CA TRP A 400 -11.33 0.75 4.18
C TRP A 400 -11.27 2.26 4.33
N ALA A 401 -12.32 2.92 3.84
CA ALA A 401 -12.39 4.38 3.87
C ALA A 401 -12.29 4.92 5.29
N PHE A 402 -13.07 4.34 6.18
CA PHE A 402 -13.07 4.73 7.58
C PHE A 402 -11.69 4.61 8.18
N CYS A 403 -11.10 3.41 8.07
CA CYS A 403 -9.79 3.17 8.66
C CYS A 403 -8.76 4.15 8.11
N LEU A 404 -8.70 4.29 6.79
CA LEU A 404 -7.68 5.13 6.17
C LEU A 404 -7.84 6.59 6.58
N ALA A 405 -9.05 7.14 6.46
CA ALA A 405 -9.22 8.56 6.77
C ALA A 405 -9.09 8.83 8.26
N THR A 406 -9.46 7.88 9.11
CA THR A 406 -9.31 8.09 10.54
C THR A 406 -7.85 8.03 10.94
N ILE A 407 -7.08 7.16 10.31
CA ILE A 407 -5.64 7.12 10.56
C ILE A 407 -5.01 8.43 10.09
N ILE A 408 -5.49 8.94 8.96
CA ILE A 408 -5.02 10.22 8.43
C ILE A 408 -5.28 11.35 9.40
N PHE A 409 -6.49 11.40 9.96
CA PHE A 409 -6.85 12.47 10.87
C PHE A 409 -6.28 12.28 12.28
N LEU A 410 -5.85 11.08 12.64
CA LEU A 410 -5.12 10.90 13.89
C LEU A 410 -3.65 11.24 13.74
N LEU A 411 -3.07 11.00 12.57
CA LEU A 411 -1.69 11.40 12.32
C LEU A 411 -1.54 12.90 12.08
N LEU A 412 -2.65 13.61 11.91
CA LEU A 412 -2.60 15.06 11.73
C LEU A 412 -2.06 15.74 12.98
N THR A 413 -1.08 16.63 12.78
CA THR A 413 -0.46 17.37 13.87
C THR A 413 -0.85 18.84 13.76
N THR A 414 -1.36 19.39 14.85
CA THR A 414 -1.89 20.74 14.88
C THR A 414 -1.33 21.49 16.09
N ASN A 415 -1.01 22.77 15.89
CA ASN A 415 -0.58 23.63 16.98
C ASN A 415 -1.74 24.08 17.86
N ASN A 416 -2.97 23.73 17.52
CA ASN A 416 -4.12 24.11 18.32
C ASN A 416 -4.15 23.29 19.60
N PRO A 417 -4.10 23.91 20.78
CA PRO A 417 -4.14 23.14 22.03
C PRO A 417 -5.48 22.46 22.28
N ALA A 418 -6.54 22.87 21.58
CA ALA A 418 -7.85 22.29 21.76
C ALA A 418 -8.06 21.01 20.95
N ILE A 419 -7.20 20.74 19.97
CA ILE A 419 -7.23 19.50 19.22
C ILE A 419 -6.17 18.60 19.85
N PHE A 420 -6.58 17.82 20.84
CA PHE A 420 -5.68 16.99 21.63
C PHE A 420 -5.99 15.53 21.41
N ARG A 421 -4.99 14.75 21.02
CA ARG A 421 -5.16 13.32 20.76
C ARG A 421 -4.77 12.55 22.02
N LEU A 422 -5.74 11.84 22.59
CA LEU A 422 -5.50 11.09 23.81
C LEU A 422 -4.55 9.92 23.54
N PRO A 423 -3.75 9.54 24.53
CA PRO A 423 -2.97 8.30 24.39
C PRO A 423 -3.90 7.09 24.34
N LEU A 424 -3.45 6.04 23.65
CA LEU A 424 -4.29 4.87 23.45
C LEU A 424 -4.63 4.15 24.74
N SER A 425 -3.87 4.37 25.81
CA SER A 425 -4.16 3.72 27.09
C SER A 425 -5.26 4.44 27.87
N LYS A 426 -5.53 5.71 27.55
CA LYS A 426 -6.50 6.51 28.30
C LYS A 426 -7.76 6.78 27.48
N VAL A 427 -8.10 5.87 26.58
CA VAL A 427 -9.26 6.02 25.70
C VAL A 427 -10.31 5.03 26.13
N THR A 428 -11.40 5.52 26.73
CA THR A 428 -12.54 4.68 27.08
C THR A 428 -13.81 5.08 26.34
N TYR A 429 -14.26 6.33 26.49
CA TYR A 429 -15.43 6.84 25.79
C TYR A 429 -15.45 8.36 25.94
N PRO A 430 -16.15 9.08 25.06
CA PRO A 430 -15.98 10.54 24.99
C PRO A 430 -16.16 11.28 26.30
N GLU A 431 -17.07 10.85 27.17
CA GLU A 431 -17.27 11.56 28.43
C GLU A 431 -16.05 11.42 29.34
N ALA A 432 -15.62 10.18 29.57
CA ALA A 432 -14.42 9.96 30.38
C ALA A 432 -13.20 10.55 29.72
N ASN A 433 -13.14 10.52 28.39
CA ASN A 433 -12.02 11.12 27.67
C ASN A 433 -11.96 12.63 27.93
N ARG A 434 -13.11 13.31 27.87
CA ARG A 434 -13.12 14.74 28.12
C ARG A 434 -12.79 15.05 29.57
N ILE A 435 -13.25 14.21 30.50
CA ILE A 435 -12.93 14.41 31.92
C ILE A 435 -11.43 14.29 32.14
N TYR A 436 -10.82 13.25 31.56
CA TYR A 436 -9.37 13.08 31.66
C TYR A 436 -8.64 14.25 31.02
N TYR A 437 -9.13 14.72 29.88
CA TYR A 437 -8.50 15.86 29.21
C TYR A 437 -8.52 17.10 30.09
N LEU A 438 -9.68 17.43 30.66
CA LEU A 438 -9.77 18.58 31.54
C LEU A 438 -8.87 18.41 32.76
N THR A 439 -8.81 17.21 33.32
CA THR A 439 -8.01 16.99 34.52
C THR A 439 -6.52 17.15 34.24
N VAL A 440 -6.05 16.63 33.11
CA VAL A 440 -4.62 16.72 32.82
C VAL A 440 -4.25 18.10 32.27
N LYS A 441 -5.22 18.81 31.68
CA LYS A 441 -4.92 20.16 31.19
C LYS A 441 -4.89 21.17 32.32
N SER A 442 -5.86 21.12 33.23
CA SER A 442 -5.91 22.04 34.36
C SER A 442 -4.97 21.57 35.46
N LEU B 91 20.81 44.09 -14.55
CA LEU B 91 22.15 44.33 -14.01
C LEU B 91 22.61 43.17 -13.14
N SER B 92 23.83 43.28 -12.62
CA SER B 92 24.37 42.24 -11.74
C SER B 92 23.71 42.26 -10.36
N LYS B 93 23.10 43.38 -9.97
CA LYS B 93 22.49 43.46 -8.65
C LYS B 93 21.23 42.62 -8.57
N ALA B 94 20.39 42.67 -9.61
CA ALA B 94 19.17 41.87 -9.63
C ALA B 94 19.45 40.37 -9.75
N VAL B 95 20.62 40.00 -10.26
CA VAL B 95 20.97 38.60 -10.47
C VAL B 95 21.24 37.93 -9.13
N GLY B 96 21.20 38.72 -8.05
CA GLY B 96 21.34 38.18 -6.72
C GLY B 96 20.04 38.16 -5.95
N TYR B 97 19.19 39.16 -6.20
CA TYR B 97 17.90 39.28 -5.54
C TYR B 97 16.77 38.61 -6.31
N LEU B 98 17.07 37.98 -7.45
CA LEU B 98 16.07 37.26 -8.21
C LEU B 98 16.32 35.77 -8.31
N THR B 99 17.49 35.29 -7.89
CA THR B 99 17.83 33.88 -7.97
C THR B 99 17.73 33.23 -6.59
N GLY B 100 17.82 31.91 -6.58
CA GLY B 100 17.73 31.17 -5.33
C GLY B 100 16.33 31.23 -4.75
N ASP B 101 16.26 31.15 -3.42
CA ASP B 101 14.99 31.22 -2.71
C ASP B 101 14.53 32.65 -2.44
N MET B 102 15.28 33.65 -2.90
CA MET B 102 14.97 35.06 -2.69
C MET B 102 14.77 35.35 -1.19
N LYS B 103 15.85 35.14 -0.43
CA LYS B 103 15.80 35.37 1.00
C LYS B 103 15.77 36.86 1.34
N GLU B 104 16.42 37.68 0.52
CA GLU B 104 16.41 39.13 0.75
C GLU B 104 15.00 39.70 0.59
N TYR B 105 14.33 39.34 -0.52
CA TYR B 105 12.95 39.79 -0.71
C TYR B 105 12.03 39.22 0.35
N ARG B 106 12.29 38.00 0.82
CA ARG B 106 11.48 37.43 1.89
C ARG B 106 11.65 38.21 3.18
N ILE B 107 12.89 38.59 3.52
CA ILE B 107 13.12 39.38 4.73
C ILE B 107 12.52 40.77 4.60
N TRP B 108 12.51 41.32 3.37
CA TRP B 108 11.89 42.63 3.17
C TRP B 108 10.38 42.56 3.31
N LEU B 109 9.77 41.48 2.80
CA LEU B 109 8.32 41.35 2.86
C LEU B 109 7.82 40.82 4.20
N LYS B 110 8.70 40.28 5.04
CA LYS B 110 8.27 39.71 6.31
C LYS B 110 7.52 40.70 7.18
N ASP B 111 7.75 42.00 6.99
CA ASP B 111 7.16 43.03 7.83
C ASP B 111 6.20 43.92 7.05
N LYS B 112 5.37 43.32 6.20
CA LYS B 112 4.41 44.05 5.40
C LYS B 112 3.00 43.50 5.63
N HIS B 113 2.05 44.00 4.85
CA HIS B 113 0.66 43.58 4.97
C HIS B 113 0.51 42.09 4.70
N LEU B 114 -0.32 41.43 5.53
CA LEU B 114 -0.50 39.99 5.40
C LEU B 114 -1.09 39.58 4.05
N ALA B 115 -1.74 40.50 3.34
CA ALA B 115 -2.22 40.17 2.00
C ALA B 115 -1.06 39.97 1.04
N LEU B 116 -0.07 40.86 1.09
CA LEU B 116 1.13 40.69 0.26
C LEU B 116 1.88 39.43 0.64
N GLN B 117 1.96 39.13 1.94
CA GLN B 117 2.62 37.92 2.39
C GLN B 117 1.88 36.68 1.90
N PHE B 118 0.55 36.72 1.89
CA PHE B 118 -0.22 35.59 1.39
C PHE B 118 -0.02 35.41 -0.11
N ILE B 119 0.05 36.52 -0.86
CA ILE B 119 0.32 36.42 -2.29
C ILE B 119 1.71 35.84 -2.53
N ASP B 120 2.68 36.23 -1.71
CA ASP B 120 4.01 35.67 -1.82
C ASP B 120 4.01 34.18 -1.53
N TRP B 121 3.25 33.76 -0.51
CA TRP B 121 3.15 32.34 -0.20
C TRP B 121 2.50 31.57 -1.33
N VAL B 122 1.48 32.15 -1.97
CA VAL B 122 0.84 31.47 -3.09
C VAL B 122 1.79 31.35 -4.28
N LEU B 123 2.58 32.38 -4.54
CA LEU B 123 3.55 32.31 -5.63
C LEU B 123 4.63 31.27 -5.34
N ARG B 124 5.14 31.25 -4.10
CA ARG B 124 6.14 30.26 -3.73
C ARG B 124 5.56 28.85 -3.80
N GLY B 125 4.28 28.69 -3.44
CA GLY B 125 3.65 27.38 -3.56
C GLY B 125 3.46 26.95 -5.00
N THR B 126 3.14 27.90 -5.87
CA THR B 126 3.10 27.59 -7.30
C THR B 126 4.45 27.12 -7.80
N ALA B 127 5.53 27.79 -7.36
CA ALA B 127 6.86 27.41 -7.82
C ALA B 127 7.34 26.11 -7.20
N GLN B 128 6.87 25.77 -6.01
CA GLN B 128 7.38 24.63 -5.24
C GLN B 128 7.01 23.28 -5.84
N VAL B 129 6.21 23.23 -6.90
CA VAL B 129 5.92 21.96 -7.56
C VAL B 129 7.21 21.33 -8.06
N MET B 130 8.10 22.15 -8.62
CA MET B 130 9.40 21.71 -9.13
C MET B 130 10.52 22.08 -8.17
N PHE B 131 10.25 22.04 -6.86
CA PHE B 131 11.27 22.21 -5.82
C PHE B 131 11.94 23.58 -5.92
N ILE B 132 11.14 24.62 -6.12
CA ILE B 132 11.63 25.99 -6.25
C ILE B 132 10.87 26.87 -5.28
N ASN B 133 11.60 27.47 -4.34
CA ASN B 133 11.02 28.41 -3.39
C ASN B 133 11.29 29.85 -3.82
N ASN B 134 10.75 30.23 -4.97
CA ASN B 134 11.02 31.53 -5.56
C ASN B 134 9.70 32.16 -6.00
N PRO B 135 9.38 33.38 -5.54
CA PRO B 135 8.13 34.01 -5.99
C PRO B 135 8.16 34.47 -7.43
N LEU B 136 9.31 34.89 -7.95
CA LEU B 136 9.39 35.29 -9.35
C LEU B 136 9.23 34.08 -10.26
N SER B 137 9.84 32.95 -9.89
CA SER B 137 9.61 31.71 -10.61
C SER B 137 8.14 31.33 -10.57
N GLY B 138 7.48 31.55 -9.43
CA GLY B 138 6.05 31.30 -9.35
C GLY B 138 5.25 32.20 -10.27
N LEU B 139 5.65 33.47 -10.39
CA LEU B 139 4.99 34.38 -11.31
C LEU B 139 5.16 33.91 -12.75
N ILE B 140 6.37 33.47 -13.12
CA ILE B 140 6.59 33.00 -14.48
C ILE B 140 5.82 31.72 -14.75
N ILE B 141 5.69 30.86 -13.74
CA ILE B 141 4.94 29.63 -13.90
C ILE B 141 3.45 29.94 -14.05
N PHE B 142 2.96 30.95 -13.34
CA PHE B 142 1.58 31.38 -13.48
C PHE B 142 1.33 31.96 -14.86
N ILE B 143 2.32 32.69 -15.38
CA ILE B 143 2.24 33.22 -16.73
C ILE B 143 2.16 32.07 -17.74
N GLY B 144 2.96 31.03 -17.52
CA GLY B 144 2.90 29.87 -18.38
C GLY B 144 1.56 29.15 -18.31
N LEU B 145 1.01 29.04 -17.09
CA LEU B 145 -0.31 28.44 -16.94
C LEU B 145 -1.38 29.25 -17.67
N LEU B 146 -1.25 30.58 -17.63
CA LEU B 146 -2.15 31.43 -18.39
C LEU B 146 -1.98 31.24 -19.89
N ILE B 147 -0.74 31.03 -20.34
CA ILE B 147 -0.49 30.76 -21.75
C ILE B 147 -1.15 29.44 -22.16
N GLN B 148 -1.12 28.45 -21.29
CA GLN B 148 -1.73 27.16 -21.61
C GLN B 148 -3.25 27.26 -21.64
N ASN B 149 -3.85 27.55 -20.49
CA ASN B 149 -5.31 27.61 -20.38
C ASN B 149 -5.69 28.47 -19.20
N PRO B 150 -6.34 29.62 -19.41
CA PRO B 150 -6.73 30.48 -18.28
C PRO B 150 -7.70 29.80 -17.32
N TRP B 151 -8.53 28.88 -17.79
CA TRP B 151 -9.38 28.13 -16.87
C TRP B 151 -8.54 27.23 -15.96
N TRP B 152 -7.50 26.61 -16.52
CA TRP B 152 -6.64 25.75 -15.72
C TRP B 152 -5.87 26.56 -14.68
N THR B 153 -5.42 27.76 -15.03
CA THR B 153 -4.72 28.58 -14.05
C THR B 153 -5.68 29.15 -13.01
N ILE B 154 -6.94 29.40 -13.39
CA ILE B 154 -7.94 29.78 -12.40
C ILE B 154 -8.10 28.67 -11.37
N THR B 155 -8.31 27.44 -11.85
CA THR B 155 -8.48 26.31 -10.94
C THR B 155 -7.24 26.09 -10.08
N GLY B 156 -6.06 26.20 -10.67
CA GLY B 156 -4.81 26.04 -9.94
C GLY B 156 -4.58 27.09 -8.87
N GLY B 157 -4.88 28.34 -9.20
CA GLY B 157 -4.73 29.43 -8.25
C GLY B 157 -5.72 29.25 -7.11
N LEU B 158 -6.94 28.84 -7.43
CA LEU B 158 -7.94 28.60 -6.40
C LEU B 158 -7.49 27.47 -5.47
N GLY B 159 -6.93 26.41 -6.06
CA GLY B 159 -6.43 25.31 -5.26
C GLY B 159 -5.30 25.73 -4.35
N THR B 160 -4.37 26.51 -4.86
CA THR B 160 -3.25 26.98 -4.05
C THR B 160 -3.73 27.87 -2.91
N VAL B 161 -4.62 28.81 -3.21
CA VAL B 161 -5.15 29.70 -2.18
C VAL B 161 -5.87 28.90 -1.12
N VAL B 162 -6.70 27.94 -1.52
CA VAL B 162 -7.48 27.16 -0.57
C VAL B 162 -6.58 26.28 0.29
N SER B 163 -5.52 25.72 -0.31
CA SER B 163 -4.61 24.88 0.46
C SER B 163 -3.80 25.71 1.45
N THR B 164 -3.36 26.90 1.06
CA THR B 164 -2.63 27.75 1.99
C THR B 164 -3.55 28.22 3.12
N LEU B 165 -4.81 28.54 2.81
CA LEU B 165 -5.74 28.94 3.85
C LEU B 165 -6.04 27.79 4.80
N THR B 166 -6.17 26.57 4.28
CA THR B 166 -6.42 25.42 5.14
C THR B 166 -5.21 25.10 5.99
N ALA B 167 -4.01 25.33 5.48
CA ALA B 167 -2.82 25.14 6.30
C ALA B 167 -2.73 26.21 7.38
N LEU B 168 -3.18 27.43 7.09
CA LEU B 168 -3.22 28.46 8.12
C LEU B 168 -4.25 28.12 9.20
N ALA B 169 -5.44 27.66 8.79
CA ALA B 169 -6.49 27.37 9.75
C ALA B 169 -6.17 26.15 10.60
N LEU B 170 -5.46 25.17 10.03
CA LEU B 170 -5.07 23.97 10.76
C LEU B 170 -3.80 24.16 11.57
N GLY B 171 -3.40 25.40 11.83
CA GLY B 171 -2.26 25.65 12.69
C GLY B 171 -0.97 25.00 12.23
N GLN B 172 -0.77 24.86 10.92
CA GLN B 172 0.44 24.24 10.42
C GLN B 172 1.63 25.16 10.65
N ASP B 173 2.83 24.61 10.42
CA ASP B 173 4.06 25.35 10.66
C ASP B 173 4.12 26.58 9.76
N ARG B 174 4.31 27.75 10.39
CA ARG B 174 4.30 28.99 9.62
C ARG B 174 5.50 29.09 8.68
N SER B 175 6.63 28.51 9.06
CA SER B 175 7.80 28.53 8.18
C SER B 175 7.59 27.67 6.95
N ALA B 176 6.79 26.61 7.06
CA ALA B 176 6.48 25.78 5.90
C ALA B 176 5.42 26.42 5.02
N ILE B 177 4.48 27.14 5.61
CA ILE B 177 3.48 27.86 4.81
C ILE B 177 4.14 29.02 4.07
N ALA B 178 5.04 29.74 4.75
CA ALA B 178 5.74 30.86 4.12
C ALA B 178 6.68 30.39 3.02
N SER B 179 7.05 29.11 3.00
CA SER B 179 7.94 28.56 1.99
C SER B 179 7.19 27.87 0.87
N GLY B 180 5.86 28.00 0.83
CA GLY B 180 5.08 27.39 -0.22
C GLY B 180 4.94 25.89 -0.13
N LEU B 181 5.38 25.27 0.97
CA LEU B 181 5.29 23.82 1.11
C LEU B 181 3.87 23.33 1.32
N HIS B 182 2.89 24.22 1.46
CA HIS B 182 1.50 23.85 1.64
C HIS B 182 0.63 24.34 0.48
N GLY B 183 1.23 24.69 -0.64
CA GLY B 183 0.47 25.20 -1.77
C GLY B 183 0.67 24.48 -3.08
N TYR B 184 1.77 23.74 -3.21
CA TYR B 184 2.03 23.07 -4.48
C TYR B 184 1.12 21.87 -4.69
N ASN B 185 0.79 21.16 -3.63
CA ASN B 185 -0.16 20.06 -3.76
C ASN B 185 -1.54 20.57 -4.17
N GLY B 186 -1.98 21.70 -3.60
CA GLY B 186 -3.25 22.26 -4.02
C GLY B 186 -3.23 22.81 -5.42
N MET B 187 -2.09 23.41 -5.82
CA MET B 187 -1.92 23.84 -7.19
C MET B 187 -2.11 22.68 -8.16
N LEU B 188 -1.43 21.57 -7.90
CA LEU B 188 -1.54 20.41 -8.76
C LEU B 188 -2.94 19.80 -8.70
N VAL B 189 -3.57 19.81 -7.53
CA VAL B 189 -4.93 19.29 -7.41
C VAL B 189 -5.87 20.07 -8.30
N GLY B 190 -5.88 21.41 -8.18
CA GLY B 190 -6.74 22.21 -9.02
C GLY B 190 -6.44 22.04 -10.50
N LEU B 191 -5.15 22.07 -10.85
CA LEU B 191 -4.75 21.94 -12.24
C LEU B 191 -5.26 20.63 -12.83
N LEU B 192 -4.90 19.51 -12.21
CA LEU B 192 -5.24 18.21 -12.79
C LEU B 192 -6.71 17.85 -12.62
N MET B 193 -7.44 18.55 -11.74
CA MET B 193 -8.89 18.38 -11.71
C MET B 193 -9.56 19.14 -12.84
N ALA B 194 -8.96 20.26 -13.27
CA ALA B 194 -9.46 20.93 -14.47
C ALA B 194 -9.03 20.22 -15.74
N VAL B 195 -7.85 19.59 -15.74
CA VAL B 195 -7.35 18.92 -16.93
C VAL B 195 -8.19 17.69 -17.25
N PHE B 196 -8.50 16.88 -16.24
CA PHE B 196 -9.22 15.63 -16.42
C PHE B 196 -10.72 15.77 -16.19
N SER B 197 -11.28 16.93 -16.54
CA SER B 197 -12.71 17.16 -16.44
C SER B 197 -13.35 16.98 -17.82
N GLU B 198 -14.39 16.14 -17.89
CA GLU B 198 -15.04 15.89 -19.17
C GLU B 198 -15.81 17.12 -19.65
N LYS B 199 -16.24 17.98 -18.73
CA LYS B 199 -16.96 19.18 -19.11
C LYS B 199 -16.05 20.15 -19.86
N LEU B 200 -16.66 21.22 -20.37
CA LEU B 200 -15.92 22.22 -21.12
C LEU B 200 -15.08 23.08 -20.17
N ASP B 201 -14.46 24.12 -20.73
CA ASP B 201 -13.77 25.08 -19.91
C ASP B 201 -14.77 25.95 -19.16
N TYR B 202 -14.29 26.57 -18.08
CA TYR B 202 -15.08 27.49 -17.27
C TYR B 202 -16.37 26.84 -16.76
N TYR B 203 -16.30 25.55 -16.46
CA TYR B 203 -17.39 24.85 -15.77
C TYR B 203 -17.27 25.21 -14.30
N TRP B 204 -17.85 26.36 -13.95
CA TRP B 204 -17.63 26.98 -12.65
C TRP B 204 -18.05 26.09 -11.48
N TRP B 205 -18.91 25.09 -11.74
CA TRP B 205 -19.28 24.15 -10.68
C TRP B 205 -18.11 23.27 -10.28
N LEU B 206 -17.06 23.19 -11.10
CA LEU B 206 -15.89 22.40 -10.75
C LEU B 206 -15.09 23.05 -9.62
N LEU B 207 -15.34 24.32 -9.32
CA LEU B 207 -14.61 25.00 -8.26
C LEU B 207 -15.00 24.54 -6.87
N PHE B 208 -16.12 23.84 -6.72
CA PHE B 208 -16.50 23.30 -5.42
C PHE B 208 -15.67 22.06 -5.09
N PRO B 209 -15.56 21.07 -5.99
CA PRO B 209 -14.65 19.96 -5.72
C PRO B 209 -13.21 20.39 -5.63
N VAL B 210 -12.80 21.38 -6.40
CA VAL B 210 -11.43 21.89 -6.34
C VAL B 210 -11.13 22.38 -4.93
N THR B 211 -12.04 23.19 -4.39
CA THR B 211 -11.89 23.72 -3.04
C THR B 211 -11.89 22.60 -2.01
N PHE B 212 -12.87 21.71 -2.09
CA PHE B 212 -13.02 20.66 -1.08
C PHE B 212 -11.90 19.63 -1.13
N THR B 213 -11.22 19.53 -2.26
CA THR B 213 -10.12 18.58 -2.40
C THR B 213 -8.79 19.24 -2.06
N ALA B 214 -8.69 20.55 -2.29
CA ALA B 214 -7.48 21.28 -1.94
C ALA B 214 -7.43 21.51 -0.43
N MET B 215 -8.60 21.51 0.20
CA MET B 215 -8.65 21.61 1.65
C MET B 215 -8.06 20.37 2.31
N SER B 216 -8.15 19.24 1.63
CA SER B 216 -7.66 17.97 2.17
C SER B 216 -6.18 17.74 1.92
N CYS B 217 -5.50 18.66 1.26
CA CYS B 217 -4.08 18.52 0.99
C CYS B 217 -3.23 18.82 2.22
N PRO B 218 -3.54 19.86 3.02
CA PRO B 218 -2.78 20.02 4.27
C PRO B 218 -2.93 18.85 5.23
N VAL B 219 -4.12 18.26 5.33
CA VAL B 219 -4.31 17.11 6.22
C VAL B 219 -3.46 15.93 5.76
N LEU B 220 -3.50 15.63 4.46
CA LEU B 220 -2.69 14.54 3.94
C LEU B 220 -1.21 14.83 4.10
N SER B 221 -0.81 16.10 3.90
CA SER B 221 0.60 16.45 4.04
C SER B 221 1.07 16.29 5.46
N SER B 222 0.24 16.68 6.44
CA SER B 222 0.62 16.53 7.84
C SER B 222 0.63 15.08 8.27
N ALA B 223 -0.31 14.26 7.79
CA ALA B 223 -0.31 12.85 8.13
C ALA B 223 0.91 12.14 7.54
N LEU B 224 1.19 12.40 6.26
CA LEU B 224 2.33 11.75 5.63
C LEU B 224 3.65 12.29 6.18
N ASN B 225 3.67 13.52 6.67
CA ASN B 225 4.88 14.01 7.33
C ASN B 225 5.07 13.34 8.68
N SER B 226 3.98 13.14 9.43
CA SER B 226 4.08 12.38 10.67
C SER B 226 4.57 10.96 10.42
N ILE B 227 4.23 10.39 9.26
CA ILE B 227 4.73 9.06 8.92
C ILE B 227 6.20 9.12 8.53
N PHE B 228 6.55 10.01 7.60
CA PHE B 228 7.88 10.03 6.99
C PHE B 228 8.95 10.65 7.88
N SER B 229 8.58 11.39 8.93
CA SER B 229 9.58 12.06 9.75
C SER B 229 10.52 11.07 10.42
N LYS B 230 10.15 9.81 10.52
CA LYS B 230 11.03 8.79 11.08
C LYS B 230 12.14 8.39 10.15
N TRP B 231 12.05 8.76 8.86
CA TRP B 231 13.10 8.47 7.88
C TRP B 231 13.62 9.72 7.20
N ASP B 232 13.22 10.90 7.65
CA ASP B 232 13.66 12.18 7.07
C ASP B 232 13.29 12.26 5.60
N LEU B 233 12.05 11.89 5.28
CA LEU B 233 11.59 11.87 3.89
C LEU B 233 10.57 12.97 3.62
N PRO B 234 10.61 13.56 2.43
CA PRO B 234 9.52 14.44 1.99
C PRO B 234 8.37 13.63 1.40
N VAL B 235 7.21 14.27 1.30
CA VAL B 235 6.05 13.61 0.71
C VAL B 235 6.07 13.77 -0.82
N PHE B 236 6.59 14.88 -1.32
CA PHE B 236 6.96 15.17 -2.71
C PHE B 236 5.82 15.43 -3.68
N THR B 237 4.64 14.86 -3.41
CA THR B 237 3.37 15.14 -4.07
C THR B 237 2.30 14.16 -3.60
N LEU B 238 2.54 13.50 -2.48
CA LEU B 238 1.66 12.41 -2.08
C LEU B 238 0.29 12.91 -1.62
N PRO B 239 0.19 14.04 -0.92
CA PRO B 239 -1.16 14.61 -0.71
C PRO B 239 -1.88 14.82 -2.02
N PHE B 240 -1.22 15.40 -3.01
CA PHE B 240 -1.85 15.64 -4.30
C PHE B 240 -2.26 14.33 -4.96
N ASN B 241 -1.36 13.35 -4.98
CA ASN B 241 -1.67 12.09 -5.64
C ASN B 241 -2.86 11.40 -4.98
N ILE B 242 -2.84 11.32 -3.65
CA ILE B 242 -3.92 10.70 -2.91
C ILE B 242 -5.24 11.43 -3.18
N ALA B 243 -5.23 12.75 -3.03
CA ALA B 243 -6.45 13.53 -3.20
C ALA B 243 -7.03 13.44 -4.60
N VAL B 244 -6.19 13.54 -5.62
CA VAL B 244 -6.67 13.54 -6.99
C VAL B 244 -7.09 12.15 -7.42
N THR B 245 -6.37 11.11 -7.00
CA THR B 245 -6.82 9.75 -7.28
C THR B 245 -8.16 9.48 -6.59
N LEU B 246 -8.30 9.91 -5.34
CA LEU B 246 -9.56 9.76 -4.62
C LEU B 246 -10.69 10.47 -5.36
N TYR B 247 -10.44 11.70 -5.83
CA TYR B 247 -11.48 12.45 -6.52
C TYR B 247 -11.84 11.81 -7.85
N LEU B 248 -10.84 11.48 -8.67
CA LEU B 248 -11.10 10.92 -9.99
C LEU B 248 -11.67 9.51 -9.92
N ALA B 249 -11.54 8.83 -8.78
CA ALA B 249 -12.22 7.55 -8.60
C ALA B 249 -13.61 7.73 -8.02
N ALA B 250 -13.81 8.71 -7.15
CA ALA B 250 -15.13 8.96 -6.59
C ALA B 250 -16.10 9.44 -7.65
N THR B 251 -15.65 10.38 -8.50
CA THR B 251 -16.52 10.87 -9.56
C THR B 251 -16.52 9.91 -10.74
N GLY B 252 -15.38 9.72 -11.38
CA GLY B 252 -15.29 8.82 -12.52
C GLY B 252 -15.86 9.43 -13.78
N HIS B 253 -15.75 8.66 -14.86
CA HIS B 253 -16.21 9.15 -16.15
C HIS B 253 -17.72 9.26 -16.22
N TYR B 254 -18.44 8.37 -15.54
CA TYR B 254 -19.89 8.30 -15.62
C TYR B 254 -20.58 9.03 -14.48
N ASN B 255 -19.95 10.08 -13.96
CA ASN B 255 -20.59 10.90 -12.95
C ASN B 255 -21.53 11.91 -13.61
N LEU B 256 -22.56 12.30 -12.86
CA LEU B 256 -23.56 13.20 -13.42
C LEU B 256 -23.18 14.67 -13.28
N PHE B 257 -22.50 15.04 -12.19
CA PHE B 257 -22.13 16.43 -11.96
C PHE B 257 -20.75 16.75 -12.55
N PHE B 258 -19.72 16.02 -12.12
CA PHE B 258 -18.34 16.28 -12.51
C PHE B 258 -17.78 15.03 -13.18
N PRO B 259 -18.08 14.81 -14.45
CA PRO B 259 -17.52 13.66 -15.15
C PRO B 259 -16.07 13.90 -15.53
N THR B 260 -15.27 12.84 -15.44
CA THR B 260 -13.86 12.91 -15.82
C THR B 260 -13.65 12.29 -17.19
N THR B 261 -12.47 12.52 -17.74
CA THR B 261 -12.14 11.94 -19.03
C THR B 261 -12.04 10.42 -18.93
N LEU B 262 -12.27 9.76 -20.06
CA LEU B 262 -12.24 8.30 -20.10
C LEU B 262 -10.83 7.78 -20.28
N VAL B 263 -10.36 7.02 -19.29
CA VAL B 263 -9.07 6.36 -19.39
C VAL B 263 -9.30 4.86 -19.46
N GLU B 264 -8.83 4.25 -20.55
CA GLU B 264 -9.03 2.81 -20.74
C GLU B 264 -7.70 2.10 -20.95
N PRO B 265 -7.60 0.87 -20.48
CA PRO B 265 -6.36 0.10 -20.66
C PRO B 265 -6.11 -0.23 -22.12
N VAL B 266 -4.85 -0.53 -22.42
CA VAL B 266 -4.47 -0.92 -23.77
C VAL B 266 -5.08 -2.28 -24.10
N SER B 267 -5.54 -2.42 -25.35
CA SER B 267 -6.20 -3.66 -25.75
C SER B 267 -5.73 -4.15 -27.12
N SER B 268 -4.71 -3.54 -27.71
CA SER B 268 -4.19 -3.96 -29.00
C SER B 268 -2.75 -3.50 -29.19
N VAL B 269 -1.94 -4.33 -29.82
CA VAL B 269 -0.54 -3.99 -30.08
C VAL B 269 -0.47 -2.78 -30.99
N PRO B 270 0.11 -1.68 -30.50
CA PRO B 270 0.16 -0.41 -31.23
C PRO B 270 0.90 -0.51 -32.55
N ASN B 271 0.38 0.19 -33.56
CA ASN B 271 1.04 0.25 -34.86
C ASN B 271 2.10 1.33 -34.81
N ILE B 272 3.37 0.93 -34.73
CA ILE B 272 4.49 1.85 -34.57
C ILE B 272 5.32 1.80 -35.83
N THR B 273 5.25 2.86 -36.63
CA THR B 273 6.04 2.99 -37.84
C THR B 273 7.24 3.88 -37.52
N TRP B 274 8.42 3.27 -37.40
CA TRP B 274 9.60 4.00 -37.00
C TRP B 274 10.15 4.92 -38.10
N THR B 275 9.66 4.79 -39.33
CA THR B 275 10.06 5.73 -40.37
C THR B 275 9.28 7.03 -40.26
N GLU B 276 8.00 6.95 -39.88
CA GLU B 276 7.18 8.13 -39.64
C GLU B 276 7.47 8.68 -38.24
N MET B 277 8.72 9.12 -38.07
CA MET B 277 9.24 9.58 -36.78
C MET B 277 9.77 11.00 -36.94
N GLU B 278 9.28 11.91 -36.12
CA GLU B 278 9.63 13.32 -36.20
C GLU B 278 10.57 13.65 -35.04
N MET B 279 11.84 13.89 -35.37
CA MET B 279 12.83 14.27 -34.37
C MET B 279 12.61 15.72 -33.91
N PRO B 280 12.18 16.63 -34.78
CA PRO B 280 11.69 17.93 -34.27
C PRO B 280 10.71 17.80 -33.12
N LEU B 281 9.68 16.97 -33.28
CA LEU B 281 8.72 16.78 -32.20
C LEU B 281 9.33 16.05 -31.01
N LEU B 282 10.29 15.15 -31.27
CA LEU B 282 10.98 14.47 -30.17
C LEU B 282 11.71 15.47 -29.28
N LEU B 283 12.43 16.41 -29.90
CA LEU B 283 13.10 17.44 -29.12
C LEU B 283 12.11 18.44 -28.52
N GLN B 284 11.00 18.69 -29.20
CA GLN B 284 9.97 19.54 -28.63
C GLN B 284 9.33 18.90 -27.40
N ALA B 285 9.40 17.57 -27.29
CA ALA B 285 8.85 16.87 -26.14
C ALA B 285 9.67 17.04 -24.87
N ILE B 286 10.80 17.73 -24.91
CA ILE B 286 11.58 18.00 -23.70
C ILE B 286 10.96 19.17 -22.95
N PRO B 287 10.71 20.33 -23.58
CA PRO B 287 9.96 21.37 -22.85
C PRO B 287 8.53 20.98 -22.58
N VAL B 288 7.90 20.24 -23.50
CA VAL B 288 6.55 19.73 -23.24
C VAL B 288 6.57 18.75 -22.08
N GLY B 289 7.64 17.97 -21.97
CA GLY B 289 7.77 17.06 -20.84
C GLY B 289 7.97 17.79 -19.52
N VAL B 290 8.69 18.91 -19.55
CA VAL B 290 8.84 19.72 -18.34
C VAL B 290 7.51 20.38 -17.99
N GLY B 291 6.75 20.80 -19.00
CA GLY B 291 5.49 21.47 -18.75
C GLY B 291 4.35 20.54 -18.35
N GLN B 292 4.45 19.26 -18.69
CA GLN B 292 3.44 18.29 -18.27
C GLN B 292 3.47 18.03 -16.76
N VAL B 293 4.47 18.56 -16.04
CA VAL B 293 4.46 18.47 -14.59
C VAL B 293 3.22 19.16 -14.03
N TYR B 294 2.79 20.25 -14.67
CA TYR B 294 1.58 20.96 -14.31
C TYR B 294 0.38 20.56 -15.15
N GLY B 295 0.56 19.64 -16.10
CA GLY B 295 -0.52 19.24 -16.97
C GLY B 295 -0.65 20.03 -18.25
N CYS B 296 0.37 20.79 -18.62
CA CYS B 296 0.32 21.67 -19.79
C CYS B 296 1.12 21.05 -20.92
N ASP B 297 0.44 20.74 -22.03
CA ASP B 297 1.07 20.12 -23.18
C ASP B 297 1.56 21.14 -24.20
N ASN B 298 1.53 22.42 -23.88
CA ASN B 298 2.01 23.44 -24.80
C ASN B 298 3.53 23.61 -24.64
N PRO B 299 4.27 23.70 -25.75
CA PRO B 299 5.73 23.85 -25.63
C PRO B 299 6.15 25.20 -25.08
N TRP B 300 5.38 26.26 -25.32
CA TRP B 300 5.76 27.57 -24.82
C TRP B 300 5.64 27.65 -23.31
N THR B 301 4.62 27.00 -22.74
CA THR B 301 4.50 26.93 -21.29
C THR B 301 5.66 26.14 -20.69
N GLY B 302 6.07 25.06 -21.34
CA GLY B 302 7.24 24.33 -20.88
C GLY B 302 8.50 25.16 -20.95
N GLY B 303 8.64 25.96 -22.00
CA GLY B 303 9.76 26.88 -22.11
C GLY B 303 9.79 27.90 -20.99
N VAL B 304 8.61 28.45 -20.68
CA VAL B 304 8.48 29.41 -19.58
C VAL B 304 8.84 28.76 -18.25
N PHE B 305 8.42 27.51 -18.07
CA PHE B 305 8.73 26.77 -16.87
C PHE B 305 10.25 26.55 -16.75
N LEU B 306 10.88 26.24 -17.88
CA LEU B 306 12.34 26.08 -17.91
C LEU B 306 13.03 27.39 -17.57
N VAL B 307 12.49 28.49 -18.06
CA VAL B 307 13.03 29.82 -17.76
C VAL B 307 12.96 30.10 -16.26
N ALA B 308 11.82 29.77 -15.65
CA ALA B 308 11.65 29.93 -14.21
C ALA B 308 12.63 29.06 -13.43
N LEU B 309 12.75 27.81 -13.85
CA LEU B 309 13.70 26.88 -13.25
C LEU B 309 15.10 27.47 -13.30
N PHE B 310 15.50 28.02 -14.45
CA PHE B 310 16.85 28.55 -14.59
C PHE B 310 17.06 29.78 -13.72
N ILE B 311 16.10 30.72 -13.74
CA ILE B 311 16.29 31.94 -12.95
C ILE B 311 16.26 31.65 -11.46
N SER B 312 15.69 30.52 -11.03
CA SER B 312 15.82 30.16 -9.63
C SER B 312 17.09 29.36 -9.35
N SER B 313 17.32 28.28 -10.10
CA SER B 313 18.52 27.47 -9.95
C SER B 313 18.87 26.80 -11.27
N PRO B 314 19.99 27.16 -11.90
CA PRO B 314 20.34 26.54 -13.18
C PRO B 314 20.49 25.04 -13.12
N LEU B 315 20.94 24.50 -11.97
CA LEU B 315 21.08 23.05 -11.85
C LEU B 315 19.72 22.36 -11.88
N ILE B 316 18.69 23.01 -11.30
CA ILE B 316 17.35 22.44 -11.36
C ILE B 316 16.85 22.39 -12.80
N CYS B 317 17.10 23.46 -13.57
CA CYS B 317 16.68 23.47 -14.96
C CYS B 317 17.42 22.41 -15.76
N LEU B 318 18.73 22.27 -15.51
CA LEU B 318 19.51 21.25 -16.21
C LEU B 318 18.98 19.86 -15.92
N HIS B 319 18.74 19.55 -14.64
CA HIS B 319 18.26 18.22 -14.30
C HIS B 319 16.83 18.00 -14.78
N ALA B 320 16.02 19.05 -14.86
CA ALA B 320 14.69 18.92 -15.44
C ALA B 320 14.78 18.54 -16.91
N ALA B 321 15.62 19.24 -17.67
CA ALA B 321 15.79 18.92 -19.08
C ALA B 321 16.31 17.51 -19.26
N ILE B 322 17.30 17.12 -18.45
CA ILE B 322 17.89 15.79 -18.59
C ILE B 322 16.88 14.71 -18.20
N GLY B 323 16.05 14.97 -17.19
CA GLY B 323 15.02 14.01 -16.83
C GLY B 323 13.97 13.86 -17.90
N SER B 324 13.59 14.96 -18.56
CA SER B 324 12.66 14.87 -19.67
C SER B 324 13.26 14.06 -20.83
N ILE B 325 14.54 14.28 -21.12
CA ILE B 325 15.22 13.52 -22.17
C ILE B 325 15.24 12.03 -21.82
N VAL B 326 15.54 11.73 -20.56
CA VAL B 326 15.61 10.35 -20.09
C VAL B 326 14.25 9.68 -20.21
N GLY B 327 13.20 10.43 -19.89
CA GLY B 327 11.84 9.95 -20.03
C GLY B 327 11.50 9.62 -21.47
N LEU B 328 11.86 10.52 -22.38
CA LEU B 328 11.63 10.29 -23.81
C LEU B 328 12.38 9.04 -24.31
N LEU B 329 13.62 8.90 -23.87
CA LEU B 329 14.45 7.76 -24.27
C LEU B 329 13.87 6.45 -23.75
N ALA B 330 13.47 6.44 -22.48
CA ALA B 330 12.84 5.25 -21.91
C ALA B 330 11.51 4.94 -22.57
N ALA B 331 10.78 5.97 -23.00
CA ALA B 331 9.57 5.75 -23.80
C ALA B 331 9.90 5.04 -25.10
N LEU B 332 10.94 5.51 -25.79
CA LEU B 332 11.35 4.89 -27.05
C LEU B 332 11.79 3.46 -26.84
N SER B 333 12.45 3.18 -25.70
CA SER B 333 13.04 1.86 -25.47
C SER B 333 12.01 0.77 -25.20
N VAL B 334 10.80 1.15 -24.79
CA VAL B 334 9.77 0.18 -24.48
C VAL B 334 8.70 0.15 -25.56
N ALA B 335 9.01 0.69 -26.73
CA ALA B 335 8.11 0.73 -27.88
C ALA B 335 6.79 1.41 -27.54
N THR B 336 6.81 2.73 -27.48
CA THR B 336 5.64 3.54 -27.16
C THR B 336 5.16 4.27 -28.41
N PRO B 337 3.85 4.41 -28.59
CA PRO B 337 3.36 5.21 -29.73
C PRO B 337 3.89 6.63 -29.66
N PHE B 338 4.27 7.15 -30.84
CA PHE B 338 4.90 8.46 -30.89
C PHE B 338 3.96 9.57 -30.43
N GLU B 339 2.65 9.38 -30.60
CA GLU B 339 1.70 10.40 -30.17
C GLU B 339 1.73 10.57 -28.65
N THR B 340 2.06 9.52 -27.90
CA THR B 340 2.16 9.63 -26.45
C THR B 340 3.50 10.23 -26.03
N ILE B 341 4.55 10.00 -26.81
CA ILE B 341 5.85 10.57 -26.47
C ILE B 341 5.86 12.07 -26.75
N TYR B 342 5.24 12.49 -27.86
CA TYR B 342 5.21 13.91 -28.19
C TYR B 342 4.43 14.70 -27.15
N THR B 343 3.34 14.13 -26.63
CA THR B 343 2.50 14.82 -25.66
C THR B 343 3.23 15.12 -24.36
N GLY B 344 4.39 14.53 -24.12
CA GLY B 344 5.08 14.72 -22.86
C GLY B 344 4.54 13.90 -21.72
N LEU B 345 3.60 13.00 -21.97
CA LEU B 345 3.02 12.14 -20.95
C LEU B 345 3.97 11.05 -20.50
N TRP B 346 5.22 11.11 -20.94
CA TRP B 346 6.23 10.14 -20.57
C TRP B 346 7.44 10.77 -19.88
N SER B 347 7.48 12.10 -19.77
CA SER B 347 8.66 12.79 -19.30
C SER B 347 8.46 13.63 -18.05
N TYR B 348 7.23 13.87 -17.63
CA TYR B 348 7.02 14.77 -16.48
C TYR B 348 7.25 14.08 -15.15
N ASN B 349 7.20 12.76 -15.11
CA ASN B 349 7.52 12.03 -13.88
C ASN B 349 9.00 11.78 -13.72
N CYS B 350 9.78 11.96 -14.77
CA CYS B 350 11.24 11.86 -14.68
C CYS B 350 11.88 13.21 -14.43
N VAL B 351 11.24 14.30 -14.88
CA VAL B 351 11.73 15.64 -14.58
C VAL B 351 11.85 15.84 -13.08
N LEU B 352 10.75 15.56 -12.36
CA LEU B 352 10.73 15.77 -10.92
C LEU B 352 11.71 14.84 -10.21
N SER B 353 11.85 13.61 -10.70
CA SER B 353 12.77 12.67 -10.07
C SER B 353 14.22 13.12 -10.24
N CYS B 354 14.58 13.55 -11.45
CA CYS B 354 15.94 14.05 -11.66
C CYS B 354 16.19 15.29 -10.82
N ILE B 355 15.23 16.22 -10.79
CA ILE B 355 15.39 17.42 -9.97
C ILE B 355 15.58 17.05 -8.50
N ALA B 356 14.82 16.08 -8.01
CA ALA B 356 14.87 15.74 -6.59
C ALA B 356 16.16 15.03 -6.24
N ILE B 357 16.61 14.10 -7.07
CA ILE B 357 17.78 13.31 -6.72
C ILE B 357 19.07 14.07 -6.98
N GLY B 358 19.21 14.64 -8.19
CA GLY B 358 20.44 15.31 -8.53
C GLY B 358 20.56 16.73 -8.02
N GLY B 359 20.86 16.89 -6.74
CA GLY B 359 21.21 18.18 -6.15
C GLY B 359 20.26 18.64 -5.06
N MET B 360 18.98 18.31 -5.17
CA MET B 360 18.01 18.82 -4.21
C MET B 360 18.09 18.09 -2.88
N PHE B 361 17.91 16.77 -2.91
CA PHE B 361 17.89 15.98 -1.69
C PHE B 361 19.11 15.06 -1.57
N TYR B 362 20.01 15.11 -2.53
CA TYR B 362 21.35 14.55 -2.42
C TYR B 362 22.36 15.64 -2.74
N ALA B 363 23.50 15.62 -2.05
CA ALA B 363 24.58 16.53 -2.40
C ALA B 363 25.04 16.24 -3.82
N LEU B 364 25.04 17.28 -4.66
CA LEU B 364 25.26 17.09 -6.09
C LEU B 364 26.72 16.72 -6.36
N THR B 365 26.94 15.49 -6.83
CA THR B 365 28.23 15.05 -7.32
C THR B 365 28.01 14.35 -8.65
N TRP B 366 29.03 13.68 -9.19
CA TRP B 366 28.81 12.92 -10.41
C TRP B 366 28.14 11.59 -10.11
N GLN B 367 28.46 10.98 -8.96
CA GLN B 367 27.71 9.82 -8.50
C GLN B 367 26.24 10.17 -8.30
N THR B 368 25.98 11.33 -7.69
CA THR B 368 24.60 11.77 -7.52
C THR B 368 23.94 12.06 -8.85
N HIS B 369 24.68 12.56 -9.83
CA HIS B 369 24.12 12.80 -11.15
C HIS B 369 23.73 11.48 -11.83
N LEU B 370 24.61 10.48 -11.76
CA LEU B 370 24.27 9.18 -12.33
C LEU B 370 23.10 8.55 -11.59
N LEU B 371 23.05 8.71 -10.27
CA LEU B 371 21.91 8.21 -9.51
C LEU B 371 20.63 8.92 -9.90
N ALA B 372 20.71 10.21 -10.24
CA ALA B 372 19.54 10.93 -10.70
C ALA B 372 19.08 10.45 -12.07
N LEU B 373 20.02 10.16 -12.96
CA LEU B 373 19.65 9.58 -14.25
C LEU B 373 18.98 8.23 -14.07
N ILE B 374 19.52 7.41 -13.17
CA ILE B 374 18.93 6.10 -12.89
C ILE B 374 17.54 6.25 -12.29
N CYS B 375 17.37 7.23 -11.40
CA CYS B 375 16.05 7.46 -10.81
C CYS B 375 15.06 7.96 -11.85
N ALA B 376 15.51 8.77 -12.80
CA ALA B 376 14.63 9.22 -13.88
C ALA B 376 14.21 8.05 -14.76
N LEU B 377 15.14 7.15 -15.07
CA LEU B 377 14.79 5.96 -15.85
C LEU B 377 13.81 5.07 -15.10
N PHE B 378 14.08 4.85 -13.81
CA PHE B 378 13.18 4.05 -12.98
C PHE B 378 11.81 4.70 -12.89
N CYS B 379 11.75 6.04 -12.85
CA CYS B 379 10.47 6.73 -12.82
C CYS B 379 9.74 6.61 -14.14
N ALA B 380 10.46 6.64 -15.26
CA ALA B 380 9.80 6.44 -16.55
C ALA B 380 9.16 5.06 -16.63
N TYR B 381 9.91 4.03 -16.24
CA TYR B 381 9.35 2.67 -16.33
C TYR B 381 8.25 2.45 -15.30
N MET B 382 8.40 3.01 -14.10
CA MET B 382 7.35 2.90 -13.11
C MET B 382 6.11 3.69 -13.51
N GLU B 383 6.28 4.79 -14.24
CA GLU B 383 5.12 5.52 -14.73
C GLU B 383 4.40 4.74 -15.82
N ALA B 384 5.15 4.08 -16.70
CA ALA B 384 4.54 3.15 -17.63
C ALA B 384 3.71 2.11 -16.89
N ALA B 385 4.30 1.49 -15.88
CA ALA B 385 3.60 0.46 -15.11
C ALA B 385 2.34 1.01 -14.46
N ILE B 386 2.47 2.14 -13.76
CA ILE B 386 1.35 2.68 -12.99
C ILE B 386 0.27 3.20 -13.92
N SER B 387 0.65 3.74 -15.08
CA SER B 387 -0.35 4.14 -16.06
C SER B 387 -1.14 2.93 -16.56
N ASN B 388 -0.44 1.88 -16.97
CA ASN B 388 -1.10 0.68 -17.46
C ASN B 388 -1.94 0.00 -16.39
N ILE B 389 -1.57 0.19 -15.13
CA ILE B 389 -2.28 -0.45 -14.03
C ILE B 389 -3.48 0.36 -13.55
N MET B 390 -3.40 1.67 -13.62
CA MET B 390 -4.47 2.53 -13.12
C MET B 390 -5.43 2.92 -14.23
N SER B 391 -5.08 2.61 -15.48
CA SER B 391 -6.05 2.76 -16.55
C SER B 391 -7.18 1.75 -16.43
N VAL B 392 -6.96 0.64 -15.73
CA VAL B 392 -7.98 -0.36 -15.50
C VAL B 392 -9.05 0.21 -14.58
N VAL B 393 -8.63 1.05 -13.63
CA VAL B 393 -9.56 1.68 -12.71
C VAL B 393 -10.07 2.99 -13.28
N GLY B 394 -9.51 3.40 -14.41
CA GLY B 394 -9.93 4.59 -15.11
C GLY B 394 -9.29 5.87 -14.60
N VAL B 395 -8.19 5.73 -13.86
CA VAL B 395 -7.52 6.87 -13.23
C VAL B 395 -6.18 7.10 -13.90
N PRO B 396 -5.80 8.34 -14.21
CA PRO B 396 -4.48 8.59 -14.79
C PRO B 396 -3.39 8.34 -13.77
N PRO B 397 -2.15 8.14 -14.22
CA PRO B 397 -1.07 7.81 -13.28
C PRO B 397 -0.72 8.92 -12.31
N GLY B 398 -1.02 10.18 -12.64
CA GLY B 398 -0.64 11.26 -11.75
C GLY B 398 0.87 11.35 -11.66
N THR B 399 1.37 11.66 -10.46
CA THR B 399 2.79 11.67 -10.17
C THR B 399 3.17 10.61 -9.14
N TRP B 400 2.50 9.45 -9.21
CA TRP B 400 2.78 8.36 -8.29
C TRP B 400 4.19 7.82 -8.51
N ALA B 401 4.55 7.66 -9.78
CA ALA B 401 5.84 7.11 -10.16
C ALA B 401 6.99 7.92 -9.57
N PHE B 402 6.92 9.23 -9.74
CA PHE B 402 7.93 10.12 -9.22
C PHE B 402 8.08 9.97 -7.72
N CYS B 403 6.97 10.10 -6.98
CA CYS B 403 7.02 10.02 -5.53
C CYS B 403 7.61 8.68 -5.09
N LEU B 404 7.10 7.58 -5.64
CA LEU B 404 7.54 6.26 -5.20
C LEU B 404 9.01 6.04 -5.49
N ALA B 405 9.45 6.30 -6.72
CA ALA B 405 10.85 6.03 -7.05
C ALA B 405 11.79 6.99 -6.35
N THR B 406 11.37 8.22 -6.09
CA THR B 406 12.23 9.16 -5.39
C THR B 406 12.35 8.77 -3.92
N ILE B 407 11.27 8.28 -3.32
CA ILE B 407 11.33 7.79 -1.96
C ILE B 407 12.26 6.58 -1.90
N ILE B 408 12.17 5.72 -2.92
CA ILE B 408 13.03 4.55 -3.01
C ILE B 408 14.50 4.94 -3.07
N PHE B 409 14.82 5.93 -3.90
CA PHE B 409 16.21 6.36 -4.04
C PHE B 409 16.70 7.23 -2.91
N LEU B 410 15.80 7.80 -2.11
CA LEU B 410 16.23 8.49 -0.89
C LEU B 410 16.44 7.52 0.26
N LEU B 411 15.67 6.44 0.32
CA LEU B 411 15.88 5.41 1.32
C LEU B 411 17.08 4.53 1.02
N LEU B 412 17.65 4.63 -0.18
CA LEU B 412 18.83 3.86 -0.54
C LEU B 412 20.01 4.26 0.33
N THR B 413 20.68 3.26 0.90
CA THR B 413 21.84 3.47 1.76
C THR B 413 23.09 2.96 1.05
N THR B 414 24.10 3.82 0.95
CA THR B 414 25.31 3.52 0.20
C THR B 414 26.53 3.85 1.05
N ASN B 415 27.56 3.01 0.97
CA ASN B 415 28.84 3.28 1.63
C ASN B 415 29.67 4.32 0.90
N ASN B 416 29.21 4.82 -0.24
CA ASN B 416 29.95 5.82 -0.99
C ASN B 416 29.84 7.16 -0.28
N PRO B 417 30.94 7.77 0.14
CA PRO B 417 30.86 9.07 0.82
C PRO B 417 30.40 10.20 -0.09
N ALA B 418 30.43 10.00 -1.42
CA ALA B 418 30.02 11.03 -2.36
C ALA B 418 28.53 11.05 -2.61
N ILE B 419 27.81 10.00 -2.23
CA ILE B 419 26.35 9.96 -2.31
C ILE B 419 25.85 10.30 -0.91
N PHE B 420 25.64 11.59 -0.66
CA PHE B 420 25.28 12.11 0.65
C PHE B 420 23.90 12.72 0.60
N ARG B 421 23.00 12.25 1.48
CA ARG B 421 21.64 12.74 1.54
C ARG B 421 21.54 13.84 2.59
N LEU B 422 21.21 15.05 2.15
CA LEU B 422 21.12 16.18 3.05
C LEU B 422 19.95 16.01 4.01
N PRO B 423 20.07 16.53 5.24
CA PRO B 423 18.91 16.58 6.12
C PRO B 423 17.84 17.50 5.56
N LEU B 424 16.58 17.19 5.88
CA LEU B 424 15.46 17.94 5.31
C LEU B 424 15.46 19.40 5.74
N SER B 425 16.15 19.76 6.82
CA SER B 425 16.18 21.14 7.25
C SER B 425 17.20 21.98 6.49
N LYS B 426 18.17 21.34 5.83
CA LYS B 426 19.25 22.03 5.13
C LYS B 426 19.11 21.91 3.62
N VAL B 427 17.89 21.77 3.12
CA VAL B 427 17.62 21.59 1.70
C VAL B 427 16.96 22.85 1.18
N THR B 428 17.69 23.63 0.39
CA THR B 428 17.15 24.81 -0.26
C THR B 428 17.17 24.69 -1.79
N TYR B 429 18.34 24.50 -2.38
CA TYR B 429 18.48 24.32 -3.82
C TYR B 429 19.89 23.80 -4.11
N PRO B 430 20.11 23.16 -5.26
CA PRO B 430 21.36 22.41 -5.47
C PRO B 430 22.64 23.19 -5.22
N GLU B 431 22.69 24.49 -5.55
CA GLU B 431 23.91 25.25 -5.33
C GLU B 431 24.20 25.41 -3.84
N ALA B 432 23.22 25.90 -3.09
CA ALA B 432 23.38 26.03 -1.64
C ALA B 432 23.58 24.67 -0.99
N ASN B 433 22.91 23.64 -1.51
CA ASN B 433 23.09 22.29 -0.98
C ASN B 433 24.53 21.82 -1.14
N ARG B 434 25.11 22.05 -2.32
CA ARG B 434 26.50 21.65 -2.54
C ARG B 434 27.46 22.47 -1.69
N ILE B 435 27.17 23.76 -1.50
CA ILE B 435 28.01 24.60 -0.66
C ILE B 435 27.99 24.08 0.78
N TYR B 436 26.80 23.80 1.30
CA TYR B 436 26.67 23.23 2.64
C TYR B 436 27.39 21.89 2.75
N TYR B 437 27.26 21.06 1.72
CA TYR B 437 27.93 19.76 1.72
C TYR B 437 29.44 19.92 1.82
N LEU B 438 30.02 20.78 0.98
CA LEU B 438 31.45 21.02 1.03
C LEU B 438 31.87 21.57 2.39
N THR B 439 31.08 22.50 2.95
CA THR B 439 31.44 23.11 4.21
C THR B 439 31.42 22.10 5.36
N VAL B 440 30.42 21.23 5.39
CA VAL B 440 30.35 20.27 6.49
C VAL B 440 31.29 19.10 6.27
N LYS B 441 31.66 18.81 5.03
CA LYS B 441 32.59 17.72 4.77
C LYS B 441 34.03 18.15 5.07
N SER B 442 34.43 19.34 4.62
CA SER B 442 35.77 19.83 4.87
C SER B 442 35.88 20.42 6.26
N LEU C 91 31.68 -39.74 2.26
CA LEU C 91 32.13 -40.08 3.61
C LEU C 91 31.51 -39.14 4.65
N SER C 92 31.84 -39.39 5.92
CA SER C 92 31.33 -38.53 6.99
C SER C 92 32.01 -37.17 7.02
N LYS C 93 33.19 -37.04 6.40
CA LYS C 93 33.90 -35.77 6.43
C LYS C 93 33.21 -34.74 5.54
N ALA C 94 32.77 -35.15 4.34
CA ALA C 94 32.08 -34.23 3.45
C ALA C 94 30.71 -33.84 3.97
N VAL C 95 30.11 -34.64 4.84
CA VAL C 95 28.78 -34.38 5.38
C VAL C 95 28.83 -33.20 6.34
N GLY C 96 30.03 -32.68 6.59
CA GLY C 96 30.18 -31.51 7.42
C GLY C 96 30.55 -30.28 6.62
N TYR C 97 31.31 -30.48 5.54
CA TYR C 97 31.76 -29.39 4.69
C TYR C 97 30.83 -29.16 3.51
N LEU C 98 29.73 -29.91 3.41
CA LEU C 98 28.74 -29.71 2.36
C LEU C 98 27.38 -29.27 2.86
N THR C 99 27.13 -29.32 4.17
CA THR C 99 25.85 -28.95 4.75
C THR C 99 25.94 -27.58 5.40
N GLY C 100 24.77 -27.05 5.77
CA GLY C 100 24.73 -25.74 6.40
C GLY C 100 25.07 -24.63 5.42
N ASP C 101 25.64 -23.56 5.95
CA ASP C 101 26.04 -22.43 5.13
C ASP C 101 27.44 -22.59 4.54
N MET C 102 28.09 -23.73 4.77
CA MET C 102 29.45 -24.00 4.28
C MET C 102 30.40 -22.89 4.70
N LYS C 103 30.57 -22.75 6.02
CA LYS C 103 31.46 -21.72 6.54
C LYS C 103 32.92 -22.08 6.33
N GLU C 104 33.25 -23.37 6.36
CA GLU C 104 34.63 -23.80 6.14
C GLU C 104 35.08 -23.48 4.71
N TYR C 105 34.25 -23.84 3.73
CA TYR C 105 34.57 -23.51 2.34
C TYR C 105 34.58 -22.00 2.12
N ARG C 106 33.73 -21.26 2.83
CA ARG C 106 33.75 -19.81 2.70
C ARG C 106 35.06 -19.23 3.24
N ILE C 107 35.52 -19.72 4.38
CA ILE C 107 36.78 -19.25 4.94
C ILE C 107 37.95 -19.65 4.06
N TRP C 108 37.86 -20.81 3.39
CA TRP C 108 38.93 -21.21 2.48
C TRP C 108 38.95 -20.34 1.23
N LEU C 109 37.78 -19.97 0.72
CA LEU C 109 37.70 -19.17 -0.50
C LEU C 109 37.88 -17.68 -0.24
N LYS C 110 37.79 -17.24 1.01
CA LYS C 110 37.90 -15.82 1.33
C LYS C 110 39.19 -15.21 0.82
N ASP C 111 40.25 -16.01 0.66
CA ASP C 111 41.56 -15.51 0.28
C ASP C 111 41.99 -16.01 -1.09
N LYS C 112 41.06 -16.01 -2.05
CA LYS C 112 41.34 -16.46 -3.40
C LYS C 112 40.99 -15.37 -4.41
N HIS C 113 41.08 -15.72 -5.70
CA HIS C 113 40.79 -14.77 -6.77
C HIS C 113 39.35 -14.28 -6.68
N LEU C 114 39.17 -12.98 -6.90
CA LEU C 114 37.85 -12.37 -6.80
C LEU C 114 36.86 -12.94 -7.81
N ALA C 115 37.33 -13.56 -8.89
CA ALA C 115 36.42 -14.22 -9.82
C ALA C 115 35.77 -15.43 -9.17
N LEU C 116 36.56 -16.25 -8.49
CA LEU C 116 36.00 -17.39 -7.77
C LEU C 116 35.06 -16.93 -6.66
N GLN C 117 35.42 -15.85 -5.96
CA GLN C 117 34.54 -15.33 -4.93
C GLN C 117 33.23 -14.81 -5.51
N PHE C 118 33.29 -14.19 -6.68
CA PHE C 118 32.06 -13.73 -7.33
C PHE C 118 31.20 -14.90 -7.77
N ILE C 119 31.82 -15.96 -8.27
CA ILE C 119 31.04 -17.15 -8.65
C ILE C 119 30.40 -17.77 -7.41
N ASP C 120 31.12 -17.78 -6.29
CA ASP C 120 30.55 -18.29 -5.05
C ASP C 120 29.37 -17.42 -4.59
N TRP C 121 29.50 -16.10 -4.73
CA TRP C 121 28.40 -15.21 -4.37
C TRP C 121 27.19 -15.44 -5.26
N VAL C 122 27.41 -15.68 -6.56
CA VAL C 122 26.30 -15.94 -7.46
C VAL C 122 25.62 -17.26 -7.12
N LEU C 123 26.39 -18.28 -6.76
CA LEU C 123 25.79 -19.55 -6.37
C LEU C 123 25.00 -19.42 -5.07
N ARG C 124 25.56 -18.71 -4.08
CA ARG C 124 24.85 -18.49 -2.84
C ARG C 124 23.58 -17.68 -3.06
N GLY C 125 23.62 -16.71 -3.99
CA GLY C 125 22.43 -15.95 -4.30
C GLY C 125 21.37 -16.78 -5.00
N THR C 126 21.80 -17.70 -5.87
CA THR C 126 20.86 -18.63 -6.46
C THR C 126 20.19 -19.48 -5.39
N ALA C 127 20.96 -19.94 -4.40
CA ALA C 127 20.39 -20.79 -3.36
C ALA C 127 19.53 -19.99 -2.38
N GLN C 128 19.81 -18.71 -2.19
CA GLN C 128 19.16 -17.90 -1.17
C GLN C 128 17.69 -17.60 -1.46
N VAL C 129 17.16 -18.01 -2.62
CA VAL C 129 15.74 -17.83 -2.86
C VAL C 129 14.92 -18.59 -1.82
N MET C 130 15.36 -19.79 -1.47
CA MET C 130 14.71 -20.62 -0.45
C MET C 130 15.48 -20.58 0.87
N PHE C 131 16.07 -19.44 1.21
CA PHE C 131 16.70 -19.22 2.51
C PHE C 131 17.85 -20.19 2.76
N ILE C 132 18.68 -20.38 1.73
CA ILE C 132 19.81 -21.30 1.81
C ILE C 132 21.07 -20.56 1.37
N ASN C 133 22.03 -20.44 2.28
CA ASN C 133 23.31 -19.83 1.99
C ASN C 133 24.37 -20.90 1.72
N ASN C 134 24.16 -21.68 0.66
CA ASN C 134 25.04 -22.81 0.35
C ASN C 134 25.40 -22.77 -1.12
N PRO C 135 26.69 -22.77 -1.48
CA PRO C 135 27.06 -22.77 -2.91
C PRO C 135 26.78 -24.09 -3.60
N LEU C 136 26.89 -25.22 -2.90
CA LEU C 136 26.57 -26.50 -3.54
C LEU C 136 25.07 -26.61 -3.80
N SER C 137 24.24 -26.15 -2.86
CA SER C 137 22.82 -26.07 -3.11
C SER C 137 22.52 -25.16 -4.29
N GLY C 138 23.26 -24.06 -4.42
CA GLY C 138 23.10 -23.19 -5.58
C GLY C 138 23.47 -23.89 -6.87
N LEU C 139 24.53 -24.70 -6.85
CA LEU C 139 24.89 -25.47 -8.03
C LEU C 139 23.79 -26.47 -8.40
N ILE C 140 23.23 -27.15 -7.42
CA ILE C 140 22.16 -28.11 -7.71
C ILE C 140 20.92 -27.39 -8.22
N ILE C 141 20.64 -26.20 -7.71
CA ILE C 141 19.50 -25.43 -8.16
C ILE C 141 19.72 -24.96 -9.60
N PHE C 142 20.95 -24.61 -9.93
CA PHE C 142 21.29 -24.22 -11.30
C PHE C 142 21.15 -25.40 -12.24
N ILE C 143 21.53 -26.59 -11.77
CA ILE C 143 21.34 -27.81 -12.54
C ILE C 143 19.86 -28.05 -12.80
N GLY C 144 19.04 -27.84 -11.76
CA GLY C 144 17.60 -27.98 -11.93
C GLY C 144 17.03 -26.97 -12.92
N LEU C 145 17.51 -25.72 -12.85
CA LEU C 145 17.09 -24.71 -13.81
C LEU C 145 17.48 -25.09 -15.23
N LEU C 146 18.66 -25.69 -15.40
CA LEU C 146 19.06 -26.19 -16.71
C LEU C 146 18.17 -27.33 -17.16
N ILE C 147 17.75 -28.19 -16.23
CA ILE C 147 16.84 -29.29 -16.55
C ILE C 147 15.50 -28.73 -17.03
N GLN C 148 15.04 -27.65 -16.40
CA GLN C 148 13.76 -27.06 -16.79
C GLN C 148 13.86 -26.38 -18.16
N ASN C 149 14.67 -25.34 -18.25
CA ASN C 149 14.79 -24.57 -19.49
C ASN C 149 16.13 -23.84 -19.50
N PRO C 150 17.04 -24.18 -20.41
CA PRO C 150 18.33 -23.48 -20.44
C PRO C 150 18.21 -21.99 -20.72
N TRP C 151 17.19 -21.55 -21.45
CA TRP C 151 16.97 -20.12 -21.63
C TRP C 151 16.61 -19.46 -20.31
N TRP C 152 15.78 -20.13 -19.51
CA TRP C 152 15.39 -19.58 -18.21
C TRP C 152 16.58 -19.49 -17.28
N THR C 153 17.47 -20.49 -17.29
CA THR C 153 18.64 -20.42 -16.43
C THR C 153 19.65 -19.39 -16.95
N ILE C 154 19.71 -19.18 -18.26
CA ILE C 154 20.53 -18.09 -18.79
C ILE C 154 20.04 -16.75 -18.25
N THR C 155 18.73 -16.51 -18.36
CA THR C 155 18.18 -15.24 -17.87
C THR C 155 18.36 -15.10 -16.37
N GLY C 156 18.17 -16.18 -15.61
CA GLY C 156 18.35 -16.15 -14.18
C GLY C 156 19.78 -15.89 -13.74
N GLY C 157 20.73 -16.53 -14.42
CA GLY C 157 22.14 -16.33 -14.12
C GLY C 157 22.54 -14.90 -14.45
N LEU C 158 22.04 -14.38 -15.56
CA LEU C 158 22.33 -12.99 -15.93
C LEU C 158 21.77 -12.04 -14.88
N GLY C 159 20.55 -12.31 -14.43
CA GLY C 159 19.95 -11.47 -13.40
C GLY C 159 20.74 -11.49 -12.10
N THR C 160 21.17 -12.69 -11.68
CA THR C 160 21.96 -12.80 -10.45
C THR C 160 23.28 -12.07 -10.57
N VAL C 161 23.98 -12.27 -11.70
CA VAL C 161 25.26 -11.59 -11.90
C VAL C 161 25.07 -10.08 -11.90
N VAL C 162 24.05 -9.59 -12.58
CA VAL C 162 23.83 -8.15 -12.68
C VAL C 162 23.44 -7.57 -11.33
N SER C 163 22.65 -8.30 -10.55
CA SER C 163 22.27 -7.80 -9.23
C SER C 163 23.45 -7.77 -8.28
N THR C 164 24.30 -8.80 -8.31
CA THR C 164 25.49 -8.79 -7.47
C THR C 164 26.45 -7.68 -7.88
N LEU C 165 26.60 -7.45 -9.18
CA LEU C 165 27.46 -6.36 -9.64
C LEU C 165 26.90 -5.00 -9.23
N THR C 166 25.58 -4.83 -9.30
CA THR C 166 24.98 -3.56 -8.90
C THR C 166 25.08 -3.37 -7.40
N ALA C 167 25.01 -4.44 -6.62
CA ALA C 167 25.23 -4.31 -5.18
C ALA C 167 26.69 -3.96 -4.87
N LEU C 168 27.62 -4.48 -5.66
CA LEU C 168 29.03 -4.11 -5.47
C LEU C 168 29.25 -2.64 -5.84
N ALA C 169 28.67 -2.18 -6.95
CA ALA C 169 28.88 -0.82 -7.39
C ALA C 169 28.21 0.19 -6.46
N LEU C 170 27.07 -0.18 -5.89
CA LEU C 170 26.34 0.69 -4.96
C LEU C 170 26.88 0.62 -3.54
N GLY C 171 28.09 0.11 -3.35
CA GLY C 171 28.70 0.09 -2.03
C GLY C 171 27.89 -0.61 -0.96
N GLN C 172 27.15 -1.64 -1.33
CA GLN C 172 26.35 -2.35 -0.35
C GLN C 172 27.24 -3.14 0.59
N ASP C 173 26.63 -3.67 1.66
CA ASP C 173 27.38 -4.40 2.67
C ASP C 173 28.03 -5.63 2.07
N ARG C 174 29.36 -5.75 2.25
CA ARG C 174 30.10 -6.84 1.64
C ARG C 174 29.72 -8.18 2.26
N SER C 175 29.36 -8.20 3.54
CA SER C 175 28.95 -9.45 4.17
C SER C 175 27.61 -9.93 3.64
N ALA C 176 26.74 -9.02 3.21
CA ALA C 176 25.46 -9.41 2.63
C ALA C 176 25.62 -9.83 1.18
N ILE C 177 26.56 -9.23 0.45
CA ILE C 177 26.82 -9.66 -0.92
C ILE C 177 27.49 -11.03 -0.92
N ALA C 178 28.43 -11.25 0.00
CA ALA C 178 29.10 -12.54 0.09
C ALA C 178 28.17 -13.65 0.55
N SER C 179 27.03 -13.30 1.14
CA SER C 179 26.04 -14.27 1.60
C SER C 179 24.91 -14.48 0.60
N GLY C 180 25.03 -13.92 -0.60
CA GLY C 180 24.00 -14.09 -1.61
C GLY C 180 22.73 -13.33 -1.36
N LEU C 181 22.70 -12.42 -0.36
CA LEU C 181 21.49 -11.67 -0.07
C LEU C 181 21.18 -10.61 -1.10
N HIS C 182 22.05 -10.41 -2.09
CA HIS C 182 21.82 -9.44 -3.16
C HIS C 182 21.73 -10.10 -4.52
N GLY C 183 21.48 -11.41 -4.57
CA GLY C 183 21.42 -12.10 -5.83
C GLY C 183 20.16 -12.91 -6.07
N TYR C 184 19.42 -13.23 -5.00
CA TYR C 184 18.23 -14.06 -5.17
C TYR C 184 17.09 -13.28 -5.80
N ASN C 185 16.97 -11.99 -5.47
CA ASN C 185 15.95 -11.16 -6.11
C ASN C 185 16.23 -11.03 -7.60
N GLY C 186 17.49 -10.86 -7.99
CA GLY C 186 17.81 -10.78 -9.41
C GLY C 186 17.63 -12.11 -10.12
N MET C 187 17.95 -13.21 -9.43
CA MET C 187 17.68 -14.53 -9.98
C MET C 187 16.20 -14.69 -10.31
N LEU C 188 15.34 -14.35 -9.35
CA LEU C 188 13.91 -14.48 -9.58
C LEU C 188 13.42 -13.49 -10.63
N VAL C 189 13.99 -12.29 -10.67
CA VAL C 189 13.62 -11.32 -11.70
C VAL C 189 13.89 -11.87 -13.09
N GLY C 190 15.12 -12.34 -13.32
CA GLY C 190 15.44 -12.89 -14.63
C GLY C 190 14.59 -14.11 -14.96
N LEU C 191 14.44 -15.02 -14.00
CA LEU C 191 13.66 -16.22 -14.22
C LEU C 191 12.23 -15.89 -14.63
N LEU C 192 11.53 -15.11 -13.81
CA LEU C 192 10.12 -14.84 -14.08
C LEU C 192 9.92 -13.84 -15.20
N MET C 193 10.95 -13.11 -15.62
CA MET C 193 10.83 -12.31 -16.83
C MET C 193 10.98 -13.17 -18.07
N ALA C 194 11.75 -14.26 -17.98
CA ALA C 194 11.78 -15.21 -19.09
C ALA C 194 10.54 -16.10 -19.11
N VAL C 195 9.97 -16.41 -17.93
CA VAL C 195 8.81 -17.28 -17.87
C VAL C 195 7.59 -16.60 -18.47
N PHE C 196 7.37 -15.33 -18.13
CA PHE C 196 6.18 -14.60 -18.56
C PHE C 196 6.45 -13.76 -19.80
N SER C 197 7.30 -14.23 -20.70
CA SER C 197 7.57 -13.57 -21.96
C SER C 197 6.77 -14.23 -23.07
N GLU C 198 6.02 -13.43 -23.83
CA GLU C 198 5.20 -13.99 -24.90
C GLU C 198 6.06 -14.50 -26.05
N LYS C 199 7.27 -13.95 -26.20
CA LYS C 199 8.15 -14.38 -27.27
C LYS C 199 8.64 -15.81 -27.01
N LEU C 200 9.35 -16.36 -27.99
CA LEU C 200 9.86 -17.71 -27.90
C LEU C 200 11.04 -17.77 -26.94
N ASP C 201 11.69 -18.93 -26.87
CA ASP C 201 12.92 -19.03 -26.12
C ASP C 201 14.06 -18.35 -26.86
N TYR C 202 15.10 -18.01 -26.10
CA TYR C 202 16.31 -17.39 -26.66
C TYR C 202 16.01 -16.10 -27.41
N TYR C 203 15.00 -15.36 -26.94
CA TYR C 203 14.73 -14.01 -27.43
C TYR C 203 15.75 -13.08 -26.77
N TRP C 204 16.93 -13.03 -27.39
CA TRP C 204 18.09 -12.39 -26.76
C TRP C 204 17.85 -10.92 -26.42
N TRP C 205 16.88 -10.28 -27.06
CA TRP C 205 16.56 -8.90 -26.72
C TRP C 205 15.95 -8.79 -25.33
N LEU C 206 15.47 -9.89 -24.76
CA LEU C 206 14.93 -9.86 -23.41
C LEU C 206 16.03 -9.65 -22.37
N LEU C 207 17.30 -9.84 -22.73
CA LEU C 207 18.38 -9.67 -21.77
C LEU C 207 18.64 -8.21 -21.41
N PHE C 208 18.11 -7.26 -22.19
CA PHE C 208 18.26 -5.85 -21.82
C PHE C 208 17.30 -5.49 -20.68
N PRO C 209 16.01 -5.82 -20.77
CA PRO C 209 15.14 -5.58 -19.61
C PRO C 209 15.55 -6.40 -18.41
N VAL C 210 16.05 -7.60 -18.59
CA VAL C 210 16.51 -8.44 -17.49
C VAL C 210 17.60 -7.70 -16.73
N THR C 211 18.58 -7.19 -17.46
CA THR C 211 19.70 -6.45 -16.85
C THR C 211 19.20 -5.19 -16.16
N PHE C 212 18.39 -4.41 -16.85
CA PHE C 212 17.94 -3.12 -16.32
C PHE C 212 16.99 -3.26 -15.13
N THR C 213 16.36 -4.43 -15.01
CA THR C 213 15.45 -4.67 -13.90
C THR C 213 16.16 -5.33 -12.73
N ALA C 214 17.20 -6.10 -13.04
CA ALA C 214 18.00 -6.73 -11.99
C ALA C 214 18.90 -5.70 -11.34
N MET C 215 19.23 -4.64 -12.09
CA MET C 215 20.01 -3.54 -11.53
C MET C 215 19.21 -2.80 -10.45
N SER C 216 17.90 -2.81 -10.58
CA SER C 216 17.03 -2.09 -9.64
C SER C 216 16.69 -2.91 -8.40
N CYS C 217 17.18 -4.13 -8.30
CA CYS C 217 16.90 -4.98 -7.15
C CYS C 217 17.74 -4.57 -5.93
N PRO C 218 19.04 -4.25 -6.09
CA PRO C 218 19.76 -3.72 -4.91
C PRO C 218 19.20 -2.43 -4.36
N VAL C 219 18.72 -1.53 -5.24
CA VAL C 219 18.15 -0.27 -4.76
C VAL C 219 16.88 -0.53 -3.97
N LEU C 220 16.00 -1.38 -4.49
CA LEU C 220 14.78 -1.72 -3.78
C LEU C 220 15.09 -2.44 -2.47
N SER C 221 16.10 -3.31 -2.49
CA SER C 221 16.46 -4.05 -1.28
C SER C 221 16.99 -3.11 -0.21
N SER C 222 17.81 -2.13 -0.59
CA SER C 222 18.33 -1.18 0.37
C SER C 222 17.25 -0.24 0.90
N ALA C 223 16.32 0.18 0.04
CA ALA C 223 15.24 1.05 0.50
C ALA C 223 14.32 0.30 1.45
N LEU C 224 13.94 -0.92 1.09
CA LEU C 224 13.05 -1.69 1.95
C LEU C 224 13.76 -2.14 3.22
N ASN C 225 15.08 -2.29 3.20
CA ASN C 225 15.81 -2.58 4.43
C ASN C 225 15.86 -1.35 5.33
N SER C 226 16.05 -0.16 4.74
CA SER C 226 15.97 1.06 5.53
C SER C 226 14.59 1.22 6.16
N ILE C 227 13.54 0.74 5.49
CA ILE C 227 12.21 0.80 6.08
C ILE C 227 12.05 -0.25 7.17
N PHE C 228 12.39 -1.50 6.89
CA PHE C 228 12.09 -2.63 7.78
C PHE C 228 13.05 -2.72 8.96
N SER C 229 14.20 -2.05 8.93
CA SER C 229 15.17 -2.18 10.01
C SER C 229 14.61 -1.72 11.35
N LYS C 230 13.54 -0.92 11.34
CA LYS C 230 12.90 -0.49 12.57
C LYS C 230 12.08 -1.59 13.23
N TRP C 231 11.80 -2.69 12.51
CA TRP C 231 11.06 -3.82 13.06
C TRP C 231 11.84 -5.13 12.94
N ASP C 232 13.10 -5.08 12.53
CA ASP C 232 13.94 -6.27 12.39
C ASP C 232 13.32 -7.26 11.41
N LEU C 233 12.87 -6.75 10.26
CA LEU C 233 12.19 -7.57 9.27
C LEU C 233 13.05 -7.74 8.02
N PRO C 234 13.00 -8.93 7.41
CA PRO C 234 13.58 -9.10 6.07
C PRO C 234 12.61 -8.67 4.99
N VAL C 235 13.15 -8.45 3.79
CA VAL C 235 12.30 -8.06 2.66
C VAL C 235 11.71 -9.30 1.98
N PHE C 236 12.44 -10.41 1.98
CA PHE C 236 12.04 -11.77 1.63
C PHE C 236 11.83 -12.06 0.16
N THR C 237 11.47 -11.05 -0.63
CA THR C 237 11.42 -11.05 -2.09
C THR C 237 10.80 -9.76 -2.61
N LEU C 238 10.75 -8.74 -1.77
CA LEU C 238 9.98 -7.55 -2.11
C LEU C 238 10.66 -6.74 -3.22
N PRO C 239 12.00 -6.63 -3.26
CA PRO C 239 12.61 -6.06 -4.47
C PRO C 239 12.19 -6.79 -5.72
N PHE C 240 12.22 -8.12 -5.70
CA PHE C 240 11.83 -8.90 -6.86
C PHE C 240 10.37 -8.66 -7.22
N ASN C 241 9.48 -8.70 -6.23
CA ASN C 241 8.06 -8.53 -6.51
C ASN C 241 7.80 -7.15 -7.11
N ILE C 242 8.35 -6.11 -6.49
CA ILE C 242 8.16 -4.75 -6.98
C ILE C 242 8.70 -4.62 -8.41
N ALA C 243 9.93 -5.07 -8.64
CA ALA C 243 10.57 -4.93 -9.94
C ALA C 243 9.83 -5.68 -11.03
N VAL C 244 9.42 -6.92 -10.76
CA VAL C 244 8.78 -7.73 -11.78
C VAL C 244 7.35 -7.28 -12.03
N THR C 245 6.62 -6.87 -10.98
CA THR C 245 5.30 -6.29 -11.21
C THR C 245 5.41 -5.00 -12.02
N LEU C 246 6.38 -4.15 -11.69
CA LEU C 246 6.62 -2.93 -12.44
C LEU C 246 6.92 -3.24 -13.91
N TYR C 247 7.76 -4.24 -14.16
CA TYR C 247 8.11 -4.58 -15.53
C TYR C 247 6.92 -5.14 -16.29
N LEU C 248 6.23 -6.12 -15.70
CA LEU C 248 5.12 -6.77 -16.38
C LEU C 248 3.91 -5.85 -16.54
N ALA C 249 3.84 -4.76 -15.77
CA ALA C 249 2.82 -3.76 -16.01
C ALA C 249 3.27 -2.70 -17.01
N ALA C 250 4.56 -2.36 -17.03
CA ALA C 250 5.06 -1.39 -17.99
C ALA C 250 5.00 -1.94 -19.41
N THR C 251 5.42 -3.19 -19.59
CA THR C 251 5.36 -3.80 -20.92
C THR C 251 3.95 -4.29 -21.23
N GLY C 252 3.46 -5.26 -20.46
CA GLY C 252 2.14 -5.79 -20.68
C GLY C 252 2.08 -6.73 -21.85
N HIS C 253 0.89 -7.30 -22.06
CA HIS C 253 0.72 -8.28 -23.13
C HIS C 253 0.80 -7.63 -24.51
N TYR C 254 0.34 -6.39 -24.64
CA TYR C 254 0.26 -5.71 -25.93
C TYR C 254 1.46 -4.82 -26.20
N ASN C 255 2.62 -5.17 -25.65
CA ASN C 255 3.83 -4.42 -25.94
C ASN C 255 4.42 -4.89 -27.28
N LEU C 256 5.14 -3.99 -27.94
CA LEU C 256 5.68 -4.30 -29.25
C LEU C 256 7.03 -5.00 -29.18
N PHE C 257 7.86 -4.66 -28.20
CA PHE C 257 9.19 -5.25 -28.07
C PHE C 257 9.17 -6.50 -27.20
N PHE C 258 8.72 -6.37 -25.95
CA PHE C 258 8.74 -7.44 -24.97
C PHE C 258 7.32 -7.70 -24.49
N PRO C 259 6.53 -8.44 -25.27
CA PRO C 259 5.17 -8.76 -24.83
C PRO C 259 5.19 -9.86 -23.78
N THR C 260 4.28 -9.74 -22.81
CA THR C 260 4.14 -10.73 -21.75
C THR C 260 2.94 -11.62 -22.03
N THR C 261 2.86 -12.73 -21.29
CA THR C 261 1.74 -13.64 -21.44
C THR C 261 0.45 -12.96 -20.97
N LEU C 262 -0.66 -13.44 -21.52
CA LEU C 262 -1.96 -12.86 -21.19
C LEU C 262 -2.53 -13.47 -19.92
N VAL C 263 -2.73 -12.63 -18.92
CA VAL C 263 -3.39 -13.05 -17.68
C VAL C 263 -4.75 -12.36 -17.59
N GLU C 264 -5.80 -13.16 -17.52
CA GLU C 264 -7.16 -12.61 -17.46
C GLU C 264 -7.89 -13.12 -16.23
N PRO C 265 -8.77 -12.28 -15.67
CA PRO C 265 -9.54 -12.70 -14.50
C PRO C 265 -10.53 -13.80 -14.84
N VAL C 266 -10.96 -14.52 -13.81
CA VAL C 266 -11.94 -15.58 -13.98
C VAL C 266 -13.28 -14.97 -14.36
N SER C 267 -14.00 -15.63 -15.27
CA SER C 267 -15.27 -15.11 -15.75
C SER C 267 -16.35 -16.18 -15.82
N SER C 268 -16.11 -17.38 -15.32
CA SER C 268 -17.10 -18.44 -15.34
C SER C 268 -16.80 -19.47 -14.26
N VAL C 269 -17.85 -20.00 -13.64
CA VAL C 269 -17.69 -21.02 -12.61
C VAL C 269 -17.06 -22.27 -13.21
N PRO C 270 -15.87 -22.64 -12.72
CA PRO C 270 -15.10 -23.75 -13.28
C PRO C 270 -15.82 -25.09 -13.19
N ASN C 271 -15.68 -25.90 -14.23
CA ASN C 271 -16.25 -27.24 -14.23
C ASN C 271 -15.28 -28.17 -13.51
N ILE C 272 -15.63 -28.56 -12.29
CA ILE C 272 -14.74 -29.36 -11.44
C ILE C 272 -15.40 -30.72 -11.26
N THR C 273 -14.85 -31.74 -11.90
CA THR C 273 -15.32 -33.12 -11.77
C THR C 273 -14.41 -33.82 -10.77
N TRP C 274 -14.91 -34.05 -9.56
CA TRP C 274 -14.09 -34.63 -8.50
C TRP C 274 -13.81 -36.11 -8.70
N THR C 275 -14.50 -36.76 -9.63
CA THR C 275 -14.17 -38.15 -9.94
C THR C 275 -12.96 -38.24 -10.86
N GLU C 276 -12.84 -37.29 -11.79
CA GLU C 276 -11.67 -37.20 -12.66
C GLU C 276 -10.53 -36.50 -11.92
N MET C 277 -10.08 -37.17 -10.86
CA MET C 277 -9.07 -36.63 -9.95
C MET C 277 -7.91 -37.60 -9.86
N GLU C 278 -6.70 -37.12 -10.13
CA GLU C 278 -5.51 -37.94 -10.17
C GLU C 278 -4.68 -37.65 -8.92
N MET C 279 -4.65 -38.62 -8.01
CA MET C 279 -3.84 -38.50 -6.79
C MET C 279 -2.36 -38.64 -7.10
N PRO C 280 -1.95 -39.49 -8.06
CA PRO C 280 -0.56 -39.41 -8.54
C PRO C 280 -0.12 -37.99 -8.88
N LEU C 281 -0.90 -37.26 -9.66
CA LEU C 281 -0.55 -35.88 -9.99
C LEU C 281 -0.64 -34.97 -8.77
N LEU C 282 -1.57 -35.25 -7.85
CA LEU C 282 -1.65 -34.46 -6.63
C LEU C 282 -0.37 -34.56 -5.83
N LEU C 283 0.15 -35.77 -5.67
CA LEU C 283 1.43 -35.94 -4.96
C LEU C 283 2.60 -35.41 -5.78
N GLN C 284 2.52 -35.50 -7.11
CA GLN C 284 3.56 -34.92 -7.95
C GLN C 284 3.58 -33.40 -7.83
N ALA C 285 2.47 -32.80 -7.43
CA ALA C 285 2.40 -31.36 -7.26
C ALA C 285 3.14 -30.85 -6.03
N ILE C 286 3.72 -31.73 -5.21
CA ILE C 286 4.51 -31.28 -4.06
C ILE C 286 5.91 -30.90 -4.54
N PRO C 287 6.63 -31.74 -5.28
CA PRO C 287 7.91 -31.27 -5.84
C PRO C 287 7.71 -30.19 -6.90
N VAL C 288 6.63 -30.28 -7.68
CA VAL C 288 6.33 -29.22 -8.64
C VAL C 288 6.02 -27.92 -7.89
N GLY C 289 5.36 -28.03 -6.74
CA GLY C 289 5.10 -26.84 -5.94
C GLY C 289 6.36 -26.24 -5.36
N VAL C 290 7.32 -27.08 -4.99
CA VAL C 290 8.61 -26.57 -4.52
C VAL C 290 9.38 -25.94 -5.66
N GLY C 291 9.29 -26.51 -6.86
CA GLY C 291 10.00 -25.99 -8.00
C GLY C 291 9.40 -24.74 -8.61
N GLN C 292 8.11 -24.51 -8.40
CA GLN C 292 7.47 -23.28 -8.88
C GLN C 292 7.94 -22.04 -8.14
N VAL C 293 8.74 -22.19 -7.07
CA VAL C 293 9.35 -21.04 -6.43
C VAL C 293 10.24 -20.30 -7.43
N TYR C 294 10.91 -21.04 -8.31
CA TYR C 294 11.72 -20.47 -9.38
C TYR C 294 10.98 -20.37 -10.70
N GLY C 295 9.72 -20.80 -10.76
CA GLY C 295 8.97 -20.77 -11.98
C GLY C 295 9.06 -22.02 -12.82
N CYS C 296 9.55 -23.12 -12.27
CA CYS C 296 9.77 -24.35 -13.01
C CYS C 296 8.67 -25.35 -12.67
N ASP C 297 7.88 -25.73 -13.67
CA ASP C 297 6.77 -26.67 -13.49
C ASP C 297 7.19 -28.13 -13.73
N ASN C 298 8.47 -28.40 -13.89
CA ASN C 298 8.93 -29.76 -14.09
C ASN C 298 9.12 -30.45 -12.74
N PRO C 299 8.66 -31.69 -12.59
CA PRO C 299 8.83 -32.37 -11.30
C PRO C 299 10.27 -32.73 -10.98
N TRP C 300 11.11 -32.99 -11.99
CA TRP C 300 12.49 -33.34 -11.74
C TRP C 300 13.28 -32.15 -11.19
N THR C 301 12.98 -30.94 -11.70
CA THR C 301 13.62 -29.76 -11.15
C THR C 301 13.20 -29.53 -9.71
N GLY C 302 11.92 -29.77 -9.40
CA GLY C 302 11.48 -29.68 -8.03
C GLY C 302 12.16 -30.70 -7.13
N GLY C 303 12.37 -31.90 -7.64
CA GLY C 303 13.11 -32.92 -6.91
C GLY C 303 14.54 -32.51 -6.63
N VAL C 304 15.19 -31.92 -7.63
CA VAL C 304 16.56 -31.42 -7.48
C VAL C 304 16.61 -30.30 -6.44
N PHE C 305 15.60 -29.44 -6.46
CA PHE C 305 15.51 -28.35 -5.50
C PHE C 305 15.35 -28.91 -4.08
N LEU C 306 14.53 -29.95 -3.95
CA LEU C 306 14.36 -30.62 -2.67
C LEU C 306 15.66 -31.25 -2.19
N VAL C 307 16.42 -31.82 -3.13
CA VAL C 307 17.71 -32.40 -2.81
C VAL C 307 18.67 -31.35 -2.28
N ALA C 308 18.69 -30.19 -2.93
CA ALA C 308 19.51 -29.07 -2.50
C ALA C 308 19.10 -28.58 -1.10
N LEU C 309 17.80 -28.43 -0.92
CA LEU C 309 17.25 -28.05 0.39
C LEU C 309 17.72 -29.01 1.47
N PHE C 310 17.66 -30.31 1.18
CA PHE C 310 18.04 -31.30 2.19
C PHE C 310 19.53 -31.26 2.47
N ILE C 311 20.36 -31.19 1.42
CA ILE C 311 21.80 -31.20 1.66
C ILE C 311 22.26 -29.92 2.35
N SER C 312 21.48 -28.85 2.29
CA SER C 312 21.82 -27.68 3.08
C SER C 312 21.23 -27.76 4.49
N SER C 313 19.93 -27.98 4.59
CA SER C 313 19.26 -28.11 5.89
C SER C 313 18.04 -29.00 5.77
N PRO C 314 18.05 -30.19 6.40
CA PRO C 314 16.89 -31.09 6.28
C PRO C 314 15.59 -30.47 6.78
N LEU C 315 15.64 -29.59 7.78
CA LEU C 315 14.43 -28.95 8.27
C LEU C 315 13.84 -28.02 7.22
N ILE C 316 14.69 -27.36 6.43
CA ILE C 316 14.19 -26.50 5.36
C ILE C 316 13.47 -27.34 4.31
N CYS C 317 14.04 -28.49 3.96
CA CYS C 317 13.40 -29.37 2.99
C CYS C 317 12.07 -29.90 3.52
N LEU C 318 12.04 -30.29 4.80
CA LEU C 318 10.81 -30.77 5.41
C LEU C 318 9.73 -29.71 5.37
N HIS C 319 10.06 -28.48 5.78
CA HIS C 319 9.07 -27.42 5.80
C HIS C 319 8.66 -27.01 4.40
N ALA C 320 9.57 -27.11 3.42
CA ALA C 320 9.19 -26.86 2.03
C ALA C 320 8.15 -27.86 1.56
N ALA C 321 8.41 -29.15 1.81
CA ALA C 321 7.45 -30.18 1.41
C ALA C 321 6.11 -29.98 2.12
N ILE C 322 6.14 -29.68 3.41
CA ILE C 322 4.89 -29.51 4.15
C ILE C 322 4.14 -28.27 3.67
N GLY C 323 4.86 -27.20 3.33
CA GLY C 323 4.21 -26.02 2.80
C GLY C 323 3.58 -26.27 1.45
N SER C 324 4.24 -27.05 0.60
CA SER C 324 3.65 -27.41 -0.68
C SER C 324 2.38 -28.25 -0.49
N ILE C 325 2.42 -29.18 0.45
CA ILE C 325 1.23 -29.99 0.76
C ILE C 325 0.09 -29.10 1.26
N VAL C 326 0.42 -28.17 2.14
CA VAL C 326 -0.58 -27.26 2.69
C VAL C 326 -1.19 -26.40 1.60
N GLY C 327 -0.37 -25.97 0.66
CA GLY C 327 -0.84 -25.21 -0.48
C GLY C 327 -1.80 -26.01 -1.33
N LEU C 328 -1.45 -27.26 -1.61
CA LEU C 328 -2.33 -28.14 -2.39
C LEU C 328 -3.67 -28.37 -1.67
N LEU C 329 -3.61 -28.58 -0.36
CA LEU C 329 -4.82 -28.80 0.43
C LEU C 329 -5.72 -27.58 0.44
N ALA C 330 -5.12 -26.40 0.65
CA ALA C 330 -5.90 -25.17 0.61
C ALA C 330 -6.45 -24.89 -0.78
N ALA C 331 -5.74 -25.30 -1.83
CA ALA C 331 -6.29 -25.23 -3.18
C ALA C 331 -7.53 -26.09 -3.30
N LEU C 332 -7.46 -27.33 -2.80
CA LEU C 332 -8.61 -28.22 -2.86
C LEU C 332 -9.79 -27.67 -2.05
N SER C 333 -9.51 -27.00 -0.94
CA SER C 333 -10.55 -26.56 -0.02
C SER C 333 -11.38 -25.39 -0.57
N VAL C 334 -10.83 -24.66 -1.52
CA VAL C 334 -11.52 -23.50 -2.09
C VAL C 334 -12.04 -23.79 -3.49
N ALA C 335 -12.13 -25.08 -3.83
CA ALA C 335 -12.62 -25.53 -5.13
C ALA C 335 -11.85 -24.92 -6.28
N THR C 336 -10.65 -25.43 -6.53
CA THR C 336 -9.77 -24.97 -7.59
C THR C 336 -9.70 -25.99 -8.71
N PRO C 337 -9.66 -25.56 -9.97
CA PRO C 337 -9.48 -26.51 -11.07
C PRO C 337 -8.21 -27.33 -10.89
N PHE C 338 -8.31 -28.63 -11.17
CA PHE C 338 -7.19 -29.54 -10.94
C PHE C 338 -5.99 -29.19 -11.80
N GLU C 339 -6.22 -28.60 -12.98
CA GLU C 339 -5.10 -28.23 -13.84
C GLU C 339 -4.23 -27.16 -13.20
N THR C 340 -4.81 -26.31 -12.35
CA THR C 340 -4.03 -25.29 -11.66
C THR C 340 -3.32 -25.87 -10.44
N ILE C 341 -3.91 -26.88 -9.80
CA ILE C 341 -3.26 -27.50 -8.65
C ILE C 341 -2.07 -28.34 -9.09
N TYR C 342 -2.22 -29.07 -10.19
CA TYR C 342 -1.12 -29.90 -10.69
C TYR C 342 0.08 -29.06 -11.09
N THR C 343 -0.16 -27.89 -11.69
CA THR C 343 0.91 -27.03 -12.15
C THR C 343 1.79 -26.53 -11.03
N GLY C 344 1.36 -26.64 -9.77
CA GLY C 344 2.11 -26.11 -8.67
C GLY C 344 1.95 -24.63 -8.46
N LEU C 345 1.05 -23.97 -9.19
CA LEU C 345 0.77 -22.55 -9.06
C LEU C 345 0.03 -22.20 -7.81
N TRP C 346 -0.15 -23.18 -6.92
CA TRP C 346 -0.84 -22.97 -5.65
C TRP C 346 0.02 -23.31 -4.45
N SER C 347 1.25 -23.79 -4.65
CA SER C 347 2.05 -24.31 -3.56
C SER C 347 3.38 -23.61 -3.38
N TYR C 348 3.83 -22.78 -4.33
CA TYR C 348 5.15 -22.18 -4.22
C TYR C 348 5.18 -20.98 -3.28
N ASN C 349 4.03 -20.36 -3.01
CA ASN C 349 3.97 -19.27 -2.05
C ASN C 349 3.81 -19.76 -0.62
N CYS C 350 3.46 -21.03 -0.44
CA CYS C 350 3.39 -21.62 0.89
C CYS C 350 4.68 -22.31 1.27
N VAL C 351 5.43 -22.80 0.28
CA VAL C 351 6.75 -23.38 0.54
C VAL C 351 7.64 -22.37 1.25
N LEU C 352 7.75 -21.17 0.67
CA LEU C 352 8.62 -20.14 1.24
C LEU C 352 8.12 -19.68 2.60
N SER C 353 6.80 -19.61 2.78
CA SER C 353 6.26 -19.18 4.06
C SER C 353 6.55 -20.20 5.15
N CYS C 354 6.35 -21.48 4.86
CA CYS C 354 6.67 -22.52 5.83
C CYS C 354 8.17 -22.52 6.15
N ILE C 355 9.01 -22.41 5.13
CA ILE C 355 10.46 -22.37 5.35
C ILE C 355 10.82 -21.19 6.24
N ALA C 356 10.21 -20.03 6.00
CA ALA C 356 10.58 -18.82 6.73
C ALA C 356 10.11 -18.88 8.18
N ILE C 357 8.89 -19.36 8.41
CA ILE C 357 8.34 -19.32 9.76
C ILE C 357 8.87 -20.47 10.60
N GLY C 358 8.79 -21.70 10.08
CA GLY C 358 9.21 -22.85 10.85
C GLY C 358 10.69 -23.11 10.86
N GLY C 359 11.44 -22.33 11.65
CA GLY C 359 12.84 -22.60 11.93
C GLY C 359 13.78 -21.50 11.47
N MET C 360 13.46 -20.81 10.37
CA MET C 360 14.38 -19.83 9.83
C MET C 360 14.36 -18.54 10.64
N PHE C 361 13.19 -17.92 10.77
CA PHE C 361 13.07 -16.64 11.46
C PHE C 361 12.30 -16.75 12.76
N TYR C 362 11.87 -17.96 13.13
CA TYR C 362 11.41 -18.29 14.47
C TYR C 362 12.21 -19.48 14.97
N ALA C 363 12.50 -19.49 16.27
CA ALA C 363 13.12 -20.67 16.86
C ALA C 363 12.19 -21.86 16.71
N LEU C 364 12.70 -22.94 16.12
CA LEU C 364 11.85 -24.06 15.74
C LEU C 364 11.39 -24.82 16.96
N THR C 365 10.08 -24.77 17.23
CA THR C 365 9.43 -25.58 18.24
C THR C 365 8.18 -26.20 17.62
N TRP C 366 7.34 -26.83 18.43
CA TRP C 366 6.08 -27.34 17.87
C TRP C 366 5.05 -26.22 17.72
N GLN C 367 5.07 -25.24 18.63
CA GLN C 367 4.27 -24.05 18.41
C GLN C 367 4.71 -23.32 17.15
N THR C 368 6.01 -23.22 16.93
CA THR C 368 6.51 -22.60 15.70
C THR C 368 6.13 -23.42 14.48
N HIS C 369 6.10 -24.75 14.60
CA HIS C 369 5.69 -25.58 13.48
C HIS C 369 4.22 -25.36 13.13
N LEU C 370 3.36 -25.31 14.16
CA LEU C 370 1.95 -25.03 13.90
C LEU C 370 1.75 -23.64 13.32
N LEU C 371 2.53 -22.67 13.82
CA LEU C 371 2.46 -21.32 13.27
C LEU C 371 2.92 -21.29 11.82
N ALA C 372 3.89 -22.14 11.46
CA ALA C 372 4.33 -22.22 10.08
C ALA C 372 3.27 -22.84 9.19
N LEU C 373 2.57 -23.86 9.69
CA LEU C 373 1.46 -24.43 8.93
C LEU C 373 0.37 -23.39 8.72
N ILE C 374 0.06 -22.61 9.77
CA ILE C 374 -0.95 -21.58 9.66
C ILE C 374 -0.51 -20.50 8.68
N CYS C 375 0.78 -20.15 8.69
CA CYS C 375 1.27 -19.15 7.75
C CYS C 375 1.23 -19.67 6.32
N ALA C 376 1.49 -20.97 6.12
CA ALA C 376 1.39 -21.55 4.80
C ALA C 376 -0.05 -21.53 4.29
N LEU C 377 -1.00 -21.84 5.17
CA LEU C 377 -2.42 -21.77 4.79
C LEU C 377 -2.83 -20.34 4.45
N PHE C 378 -2.41 -19.39 5.29
CA PHE C 378 -2.71 -17.99 5.04
C PHE C 378 -2.08 -17.52 3.74
N CYS C 379 -0.89 -18.01 3.42
CA CYS C 379 -0.24 -17.67 2.16
C CYS C 379 -0.96 -18.28 0.97
N ALA C 380 -1.48 -19.50 1.11
CA ALA C 380 -2.25 -20.09 0.03
C ALA C 380 -3.48 -19.24 -0.27
N TYR C 381 -4.23 -18.88 0.77
CA TYR C 381 -5.45 -18.11 0.55
C TYR C 381 -5.15 -16.69 0.07
N MET C 382 -4.08 -16.09 0.61
CA MET C 382 -3.69 -14.76 0.14
C MET C 382 -3.18 -14.80 -1.29
N GLU C 383 -2.56 -15.90 -1.71
CA GLU C 383 -2.13 -16.02 -3.08
C GLU C 383 -3.32 -16.18 -4.01
N ALA C 384 -4.33 -16.94 -3.59
CA ALA C 384 -5.59 -16.97 -4.33
C ALA C 384 -6.13 -15.56 -4.51
N ALA C 385 -6.21 -14.80 -3.41
CA ALA C 385 -6.75 -13.45 -3.47
C ALA C 385 -5.93 -12.56 -4.40
N ILE C 386 -4.60 -12.56 -4.22
CA ILE C 386 -3.75 -11.67 -4.99
C ILE C 386 -3.71 -12.06 -6.45
N SER C 387 -3.79 -13.36 -6.75
CA SER C 387 -3.89 -13.80 -8.13
C SER C 387 -5.17 -13.30 -8.78
N ASN C 388 -6.31 -13.50 -8.11
CA ASN C 388 -7.59 -13.06 -8.64
C ASN C 388 -7.67 -11.54 -8.76
N ILE C 389 -6.91 -10.84 -7.94
CA ILE C 389 -6.94 -9.37 -7.94
C ILE C 389 -5.99 -8.76 -8.95
N MET C 390 -4.85 -9.41 -9.20
CA MET C 390 -3.85 -8.87 -10.10
C MET C 390 -4.02 -9.42 -11.51
N SER C 391 -4.90 -10.41 -11.68
CA SER C 391 -5.26 -10.82 -13.03
C SER C 391 -6.07 -9.75 -13.74
N VAL C 392 -6.71 -8.87 -13.00
CA VAL C 392 -7.47 -7.76 -13.58
C VAL C 392 -6.51 -6.78 -14.24
N VAL C 393 -5.35 -6.61 -13.64
CA VAL C 393 -4.33 -5.72 -14.19
C VAL C 393 -3.44 -6.46 -15.18
N GLY C 394 -3.64 -7.77 -15.26
CA GLY C 394 -2.90 -8.60 -16.19
C GLY C 394 -1.54 -9.06 -15.69
N VAL C 395 -1.34 -8.97 -14.37
CA VAL C 395 -0.05 -9.30 -13.77
C VAL C 395 -0.19 -10.56 -12.94
N PRO C 396 0.76 -11.50 -13.02
CA PRO C 396 0.70 -12.69 -12.16
C PRO C 396 0.93 -12.33 -10.72
N PRO C 397 0.53 -13.21 -9.78
CA PRO C 397 0.66 -12.87 -8.35
C PRO C 397 2.10 -12.75 -7.87
N GLY C 398 3.06 -13.39 -8.55
CA GLY C 398 4.42 -13.36 -8.07
C GLY C 398 4.53 -14.06 -6.73
N THR C 399 5.35 -13.50 -5.85
CA THR C 399 5.49 -13.98 -4.48
C THR C 399 5.03 -12.93 -3.48
N TRP C 400 4.00 -12.18 -3.84
CA TRP C 400 3.46 -11.15 -2.95
C TRP C 400 2.85 -11.76 -1.70
N ALA C 401 2.11 -12.86 -1.90
CA ALA C 401 1.42 -13.54 -0.81
C ALA C 401 2.39 -13.99 0.27
N PHE C 402 3.48 -14.63 -0.16
CA PHE C 402 4.50 -15.10 0.76
C PHE C 402 5.07 -13.97 1.58
N CYS C 403 5.55 -12.92 0.90
CA CYS C 403 6.16 -11.80 1.59
C CYS C 403 5.19 -11.18 2.58
N LEU C 404 3.96 -10.89 2.14
CA LEU C 404 3.00 -10.21 3.00
C LEU C 404 2.65 -11.05 4.22
N ALA C 405 2.29 -12.32 4.02
CA ALA C 405 1.87 -13.14 5.15
C ALA C 405 3.04 -13.46 6.07
N THR C 406 4.25 -13.58 5.54
CA THR C 406 5.40 -13.85 6.40
C THR C 406 5.75 -12.63 7.23
N ILE C 407 5.62 -11.44 6.64
CA ILE C 407 5.83 -10.21 7.40
C ILE C 407 4.78 -10.10 8.49
N ILE C 408 3.55 -10.49 8.17
CA ILE C 408 2.46 -10.49 9.13
C ILE C 408 2.75 -11.41 10.31
N PHE C 409 3.23 -12.62 10.01
CA PHE C 409 3.51 -13.59 11.07
C PHE C 409 4.81 -13.31 11.80
N LEU C 410 5.71 -12.51 11.24
CA LEU C 410 6.88 -12.07 11.98
C LEU C 410 6.57 -10.88 12.88
N LEU C 411 5.66 -10.01 12.46
CA LEU C 411 5.23 -8.91 13.31
C LEU C 411 4.29 -9.36 14.42
N LEU C 412 3.80 -10.59 14.38
CA LEU C 412 2.93 -11.12 15.42
C LEU C 412 3.68 -11.19 16.75
N THR C 413 3.06 -10.66 17.80
CA THR C 413 3.63 -10.66 19.14
C THR C 413 2.84 -11.59 20.03
N THR C 414 3.53 -12.53 20.68
CA THR C 414 2.90 -13.56 21.49
C THR C 414 3.57 -13.64 22.84
N ASN C 415 2.78 -13.85 23.89
CA ASN C 415 3.29 -14.07 25.23
C ASN C 415 3.87 -15.48 25.42
N ASN C 416 3.76 -16.34 24.42
CA ASN C 416 4.28 -17.69 24.52
C ASN C 416 5.80 -17.66 24.43
N PRO C 417 6.52 -18.13 25.45
CA PRO C 417 7.99 -18.12 25.38
C PRO C 417 8.55 -19.07 24.33
N ALA C 418 7.76 -20.02 23.84
CA ALA C 418 8.22 -20.97 22.85
C ALA C 418 8.14 -20.45 21.42
N ILE C 419 7.41 -19.35 21.20
CA ILE C 419 7.36 -18.70 19.90
C ILE C 419 8.34 -17.53 19.99
N PHE C 420 9.58 -17.78 19.63
CA PHE C 420 10.66 -16.82 19.77
C PHE C 420 11.20 -16.43 18.40
N ARG C 421 11.22 -15.13 18.11
CA ARG C 421 11.69 -14.63 16.83
C ARG C 421 13.16 -14.24 16.97
N LEU C 422 14.03 -14.93 16.22
CA LEU C 422 15.45 -14.67 16.29
C LEU C 422 15.78 -13.29 15.72
N PRO C 423 16.81 -12.63 16.24
CA PRO C 423 17.29 -11.40 15.60
C PRO C 423 17.84 -11.70 14.21
N LEU C 424 17.75 -10.71 13.33
CA LEU C 424 18.16 -10.92 11.95
C LEU C 424 19.64 -11.21 11.80
N SER C 425 20.46 -10.87 12.79
CA SER C 425 21.89 -11.13 12.71
C SER C 425 22.24 -12.57 13.08
N LYS C 426 21.35 -13.27 13.78
CA LYS C 426 21.62 -14.61 14.26
C LYS C 426 20.79 -15.67 13.52
N VAL C 427 20.45 -15.39 12.26
CA VAL C 427 19.62 -16.27 11.46
C VAL C 427 20.50 -16.88 10.38
N THR C 428 20.79 -18.18 10.51
CA THR C 428 21.53 -18.90 9.48
C THR C 428 20.70 -20.03 8.87
N TYR C 429 20.23 -20.97 9.67
CA TYR C 429 19.40 -22.07 9.21
C TYR C 429 18.79 -22.76 10.43
N PRO C 430 17.66 -23.48 10.26
CA PRO C 430 16.89 -23.93 11.43
C PRO C 430 17.68 -24.69 12.48
N GLU C 431 18.66 -25.50 12.10
CA GLU C 431 19.42 -26.25 13.10
C GLU C 431 20.26 -25.32 13.96
N ALA C 432 21.07 -24.47 13.32
CA ALA C 432 21.86 -23.50 14.07
C ALA C 432 20.98 -22.52 14.82
N ASN C 433 19.82 -22.17 14.23
CA ASN C 433 18.89 -21.27 14.92
C ASN C 433 18.38 -21.90 16.21
N ARG C 434 18.02 -23.19 16.16
CA ARG C 434 17.54 -23.87 17.36
C ARG C 434 18.64 -24.02 18.38
N ILE C 435 19.88 -24.28 17.93
CA ILE C 435 21.00 -24.40 18.85
C ILE C 435 21.22 -23.06 19.57
N TYR C 436 21.24 -21.96 18.81
CA TYR C 436 21.38 -20.64 19.40
C TYR C 436 20.24 -20.35 20.38
N TYR C 437 19.01 -20.73 20.00
CA TYR C 437 17.87 -20.50 20.87
C TYR C 437 18.04 -21.22 22.20
N LEU C 438 18.38 -22.51 22.16
CA LEU C 438 18.59 -23.27 23.38
C LEU C 438 19.72 -22.68 24.22
N THR C 439 20.80 -22.24 23.56
CA THR C 439 21.95 -21.71 24.29
C THR C 439 21.60 -20.40 25.00
N VAL C 440 20.87 -19.51 24.33
CA VAL C 440 20.55 -18.24 24.94
C VAL C 440 19.39 -18.37 25.93
N LYS C 441 18.54 -19.38 25.77
CA LYS C 441 17.45 -19.58 26.73
C LYS C 441 17.95 -20.22 28.00
N SER C 442 18.77 -21.26 27.89
CA SER C 442 19.30 -21.93 29.07
C SER C 442 20.49 -21.16 29.65
#